data_6QLB
#
_entry.id   6QLB
#
_cell.length_a   147.607
_cell.length_b   147.607
_cell.length_c   147.607
_cell.angle_alpha   90.00
_cell.angle_beta   90.00
_cell.angle_gamma   90.00
#
_symmetry.space_group_name_H-M   'P 21 3'
#
loop_
_entity.id
_entity.type
_entity.pdbx_description
1 polymer 'Calpain small subunit 1'
2 polymer 'RNA-binding protein Hfq'
3 non-polymer 'CALCIUM ION'
4 non-polymer GUANINE
5 non-polymer 1,2-ETHANEDIOL
6 non-polymer 1-ETHOXY-2-(2-ETHOXYETHOXY)ETHANE
7 water water
#
loop_
_entity_poly.entity_id
_entity_poly.type
_entity_poly.pdbx_seq_one_letter_code
_entity_poly.pdbx_strand_id
1 'polypeptide(L)'
;EEVRQFRKLFVQLAGDDMEVSATELMNILNKVVTRHPDLKTDGFGIDTCRSMVAVMDSDTTGKLGFEEFKYLWNNIKKWQ
GIYKRFDTDRSGTIGSNELPGAFEAAGFHLNQHIYSMIIRRYSDETGNMDFDNFISCLVRLDAMFRAFRSLDKNGTGQIQ
VNIQEWLQLTMYS
;
A,B,C,D
2 'polypeptide(L)' GQSLQDPFLNALRRERVPVSIYLVNGIKLQGQIESFDQFVILLKNTVSQMVYKHAISTVVPSA E,F,G,H
#
# COMPACT_ATOMS: atom_id res chain seq x y z
N GLU A 2 -11.29 -51.94 3.35
CA GLU A 2 -11.88 -50.57 3.09
C GLU A 2 -10.96 -49.77 2.15
N VAL A 3 -9.68 -50.13 2.05
CA VAL A 3 -8.77 -49.77 0.91
C VAL A 3 -9.25 -50.52 -0.35
N ARG A 4 -9.89 -51.69 -0.20
CA ARG A 4 -10.45 -52.51 -1.31
C ARG A 4 -11.57 -51.73 -2.01
N GLN A 5 -12.48 -51.18 -1.19
CA GLN A 5 -13.68 -50.45 -1.66
C GLN A 5 -13.21 -49.22 -2.43
N PHE A 6 -12.17 -48.56 -1.91
CA PHE A 6 -11.64 -47.28 -2.43
C PHE A 6 -11.10 -47.51 -3.85
N ARG A 7 -10.31 -48.58 -4.07
CA ARG A 7 -9.73 -48.91 -5.40
C ARG A 7 -10.84 -49.24 -6.39
N LYS A 8 -11.90 -49.94 -5.98
CA LYS A 8 -13.06 -50.24 -6.87
C LYS A 8 -13.70 -48.92 -7.33
N LEU A 9 -13.97 -48.02 -6.38
CA LEU A 9 -14.61 -46.71 -6.68
C LEU A 9 -13.70 -45.92 -7.62
N PHE A 10 -12.41 -45.88 -7.34
CA PHE A 10 -11.43 -45.09 -8.10
C PHE A 10 -11.44 -45.58 -9.55
N VAL A 11 -11.38 -46.90 -9.76
CA VAL A 11 -11.26 -47.47 -11.13
C VAL A 11 -12.51 -47.09 -11.92
N GLN A 12 -13.69 -47.22 -11.30
CA GLN A 12 -14.98 -46.88 -11.94
C GLN A 12 -15.01 -45.38 -12.27
N LEU A 13 -14.61 -44.53 -11.33
CA LEU A 13 -14.70 -43.06 -11.53
C LEU A 13 -13.72 -42.59 -12.60
N ALA A 14 -12.52 -43.17 -12.63
CA ALA A 14 -11.40 -42.67 -13.47
C ALA A 14 -11.60 -43.03 -14.95
N GLY A 15 -12.31 -44.12 -15.26
CA GLY A 15 -12.50 -44.64 -16.63
C GLY A 15 -11.20 -44.96 -17.35
N ASP A 16 -11.17 -44.75 -18.67
CA ASP A 16 -10.09 -45.16 -19.60
C ASP A 16 -8.71 -44.64 -19.14
N ASP A 17 -8.55 -43.34 -18.89
CA ASP A 17 -7.21 -42.75 -18.68
C ASP A 17 -6.71 -43.06 -17.26
N MET A 18 -7.52 -43.72 -16.42
CA MET A 18 -7.13 -44.26 -15.08
C MET A 18 -6.69 -43.12 -14.15
N GLU A 19 -7.16 -41.90 -14.42
CA GLU A 19 -7.05 -40.71 -13.55
C GLU A 19 -8.43 -40.01 -13.50
N VAL A 20 -8.65 -39.22 -12.47
CA VAL A 20 -9.92 -38.45 -12.25
C VAL A 20 -9.75 -37.04 -12.79
N SER A 21 -10.45 -36.67 -13.85
CA SER A 21 -10.52 -35.29 -14.38
C SER A 21 -11.42 -34.42 -13.49
N ALA A 22 -11.40 -33.13 -13.76
CA ALA A 22 -12.27 -32.10 -13.12
C ALA A 22 -13.75 -32.46 -13.36
N THR A 23 -14.09 -32.90 -14.55
CA THR A 23 -15.48 -33.26 -14.95
C THR A 23 -15.91 -34.50 -14.16
N GLU A 24 -15.06 -35.51 -14.07
CA GLU A 24 -15.38 -36.75 -13.33
C GLU A 24 -15.53 -36.40 -11.84
N LEU A 25 -14.71 -35.51 -11.31
CA LEU A 25 -14.77 -35.12 -9.87
C LEU A 25 -16.10 -34.40 -9.62
N MET A 26 -16.46 -33.45 -10.49
CA MET A 26 -17.70 -32.65 -10.41
C MET A 26 -18.87 -33.62 -10.39
N ASN A 27 -18.91 -34.57 -11.33
CA ASN A 27 -20.06 -35.52 -11.44
C ASN A 27 -20.17 -36.36 -10.18
N ILE A 28 -19.09 -36.87 -9.61
CA ILE A 28 -19.20 -37.73 -8.40
C ILE A 28 -19.56 -36.87 -7.17
N LEU A 29 -19.01 -35.67 -7.02
CA LEU A 29 -19.39 -34.77 -5.91
C LEU A 29 -20.87 -34.36 -6.03
N ASN A 30 -21.39 -34.05 -7.23
CA ASN A 30 -22.83 -33.67 -7.39
C ASN A 30 -23.73 -34.86 -7.07
N LYS A 31 -23.28 -36.10 -7.34
CA LYS A 31 -24.02 -37.35 -7.02
C LYS A 31 -24.09 -37.53 -5.49
N VAL A 32 -22.96 -37.46 -4.83
CA VAL A 32 -22.81 -37.62 -3.36
C VAL A 32 -23.68 -36.57 -2.66
N VAL A 33 -23.64 -35.32 -3.11
CA VAL A 33 -24.32 -34.20 -2.38
C VAL A 33 -25.84 -34.36 -2.47
N THR A 34 -26.40 -34.94 -3.55
CA THR A 34 -27.86 -35.19 -3.68
C THR A 34 -28.32 -36.24 -2.66
N ARG A 35 -27.45 -37.14 -2.21
CA ARG A 35 -27.79 -38.16 -1.18
C ARG A 35 -27.82 -37.49 0.22
N HIS A 36 -27.43 -36.22 0.36
CA HIS A 36 -27.35 -35.48 1.64
C HIS A 36 -28.13 -34.16 1.55
N PRO A 37 -29.48 -34.21 1.66
CA PRO A 37 -30.30 -32.98 1.68
C PRO A 37 -30.00 -32.05 2.86
N ASP A 38 -29.19 -32.51 3.82
CA ASP A 38 -28.59 -31.74 4.94
C ASP A 38 -27.57 -30.71 4.38
N LEU A 39 -27.03 -30.89 3.16
CA LEU A 39 -25.95 -30.03 2.62
C LEU A 39 -26.50 -29.07 1.56
N LYS A 40 -26.81 -27.83 1.93
CA LYS A 40 -27.32 -26.80 0.98
C LYS A 40 -26.16 -26.44 0.04
N THR A 41 -26.44 -26.40 -1.25
CA THR A 41 -25.43 -26.19 -2.29
C THR A 41 -26.15 -25.90 -3.59
N ASP A 42 -25.60 -24.96 -4.36
CA ASP A 42 -25.99 -24.75 -5.78
C ASP A 42 -25.18 -25.71 -6.67
N GLY A 43 -24.49 -26.71 -6.11
CA GLY A 43 -23.71 -27.71 -6.89
C GLY A 43 -22.24 -27.36 -7.01
N PHE A 44 -21.41 -28.38 -7.22
CA PHE A 44 -19.99 -28.17 -7.57
C PHE A 44 -19.95 -27.85 -9.06
N GLY A 45 -19.43 -26.68 -9.44
CA GLY A 45 -19.23 -26.29 -10.84
C GLY A 45 -17.84 -26.68 -11.32
N ILE A 46 -17.64 -26.65 -12.63
CA ILE A 46 -16.41 -27.12 -13.31
C ILE A 46 -15.22 -26.27 -12.85
N ASP A 47 -15.39 -24.96 -12.67
CA ASP A 47 -14.22 -24.09 -12.34
C ASP A 47 -13.73 -24.43 -10.92
N THR A 48 -14.63 -24.65 -9.97
CA THR A 48 -14.25 -25.08 -8.59
C THR A 48 -13.52 -26.43 -8.65
N CYS A 49 -14.01 -27.37 -9.44
CA CYS A 49 -13.41 -28.70 -9.63
C CYS A 49 -12.07 -28.63 -10.33
N ARG A 50 -11.87 -27.80 -11.38
CA ARG A 50 -10.54 -27.61 -12.02
C ARG A 50 -9.57 -27.10 -10.96
N SER A 51 -10.03 -26.18 -10.11
CA SER A 51 -9.18 -25.59 -9.03
C SER A 51 -8.78 -26.68 -8.03
N MET A 52 -9.72 -27.54 -7.64
CA MET A 52 -9.43 -28.60 -6.66
C MET A 52 -8.46 -29.59 -7.30
N VAL A 53 -8.65 -29.94 -8.56
CA VAL A 53 -7.70 -30.86 -9.25
C VAL A 53 -6.31 -30.19 -9.30
N ALA A 54 -6.26 -28.92 -9.71
CA ALA A 54 -4.99 -28.16 -9.82
C ALA A 54 -4.22 -28.20 -8.50
N VAL A 55 -4.81 -27.83 -7.36
CA VAL A 55 -4.02 -27.77 -6.07
C VAL A 55 -3.64 -29.16 -5.58
N MET A 56 -4.33 -30.21 -6.02
CA MET A 56 -4.06 -31.61 -5.61
C MET A 56 -3.18 -32.33 -6.62
N ASP A 57 -2.87 -31.70 -7.74
CA ASP A 57 -2.17 -32.36 -8.89
C ASP A 57 -0.65 -32.18 -8.70
N SER A 58 -0.07 -32.78 -7.66
CA SER A 58 1.33 -32.52 -7.24
C SER A 58 2.30 -33.14 -8.26
N ASP A 59 1.90 -34.12 -9.11
CA ASP A 59 2.76 -34.67 -10.19
C ASP A 59 2.52 -34.05 -11.59
N THR A 60 1.66 -33.02 -11.66
CA THR A 60 1.49 -32.16 -12.86
C THR A 60 0.97 -32.92 -14.08
N THR A 61 0.16 -33.98 -13.92
CA THR A 61 -0.45 -34.74 -15.05
C THR A 61 -1.73 -34.03 -15.53
N GLY A 62 -2.22 -33.03 -14.77
CA GLY A 62 -3.48 -32.32 -15.06
C GLY A 62 -4.72 -33.04 -14.53
N LYS A 63 -4.55 -34.23 -13.93
CA LYS A 63 -5.67 -35.00 -13.34
C LYS A 63 -5.22 -35.73 -12.07
N LEU A 64 -6.17 -36.32 -11.33
CA LEU A 64 -5.87 -36.90 -10.00
C LEU A 64 -5.65 -38.40 -10.18
N GLY A 65 -4.46 -38.88 -9.86
CA GLY A 65 -4.25 -40.34 -9.74
C GLY A 65 -4.78 -40.83 -8.40
N PHE A 66 -4.59 -42.12 -8.10
CA PHE A 66 -5.13 -42.78 -6.90
C PHE A 66 -4.76 -42.03 -5.62
N GLU A 67 -3.50 -41.77 -5.36
CA GLU A 67 -3.04 -41.19 -4.08
C GLU A 67 -3.52 -39.74 -3.97
N GLU A 68 -3.50 -38.97 -5.05
CA GLU A 68 -4.01 -37.58 -5.01
C GLU A 68 -5.52 -37.62 -4.70
N PHE A 69 -6.26 -38.54 -5.29
CA PHE A 69 -7.74 -38.64 -5.10
C PHE A 69 -8.08 -39.08 -3.67
N LYS A 70 -7.37 -40.08 -3.15
CA LYS A 70 -7.52 -40.59 -1.76
C LYS A 70 -7.33 -39.44 -0.77
N TYR A 71 -6.28 -38.64 -0.91
CA TYR A 71 -5.95 -37.54 0.03
C TYR A 71 -7.15 -36.58 -0.02
N LEU A 72 -7.59 -36.23 -1.23
CA LEU A 72 -8.69 -35.25 -1.43
C LEU A 72 -9.97 -35.84 -0.86
N TRP A 73 -10.30 -37.07 -1.23
CA TRP A 73 -11.56 -37.75 -0.84
C TRP A 73 -11.66 -37.88 0.69
N ASN A 74 -10.58 -38.31 1.35
CA ASN A 74 -10.50 -38.42 2.83
C ASN A 74 -10.69 -37.05 3.47
N ASN A 75 -10.10 -36.00 2.90
CA ASN A 75 -10.32 -34.62 3.39
C ASN A 75 -11.80 -34.25 3.26
N ILE A 76 -12.42 -34.55 2.13
CA ILE A 76 -13.83 -34.18 1.86
C ILE A 76 -14.75 -34.90 2.86
N LYS A 77 -14.50 -36.17 3.14
CA LYS A 77 -15.35 -36.96 4.08
C LYS A 77 -15.24 -36.35 5.50
N LYS A 78 -14.03 -35.99 5.91
CA LYS A 78 -13.77 -35.43 7.25
C LYS A 78 -14.47 -34.07 7.33
N TRP A 79 -14.33 -33.25 6.30
CA TRP A 79 -14.89 -31.88 6.31
C TRP A 79 -16.41 -31.89 6.20
N GLN A 80 -16.99 -32.85 5.49
CA GLN A 80 -18.47 -33.08 5.44
C GLN A 80 -18.95 -33.31 6.89
N GLY A 81 -18.28 -34.15 7.66
CA GLY A 81 -18.72 -34.44 9.05
C GLY A 81 -18.67 -33.16 9.88
N ILE A 82 -17.64 -32.35 9.69
CA ILE A 82 -17.48 -31.09 10.47
C ILE A 82 -18.58 -30.09 10.07
N TYR A 83 -18.85 -29.96 8.77
CA TYR A 83 -19.89 -29.06 8.25
C TYR A 83 -21.22 -29.30 8.98
N LYS A 84 -21.67 -30.55 9.05
CA LYS A 84 -22.97 -30.88 9.68
C LYS A 84 -22.92 -30.52 11.18
N ARG A 85 -21.83 -30.89 11.86
CA ARG A 85 -21.73 -30.71 13.32
C ARG A 85 -21.67 -29.22 13.65
N PHE A 86 -21.05 -28.38 12.84
CA PHE A 86 -20.88 -26.95 13.22
C PHE A 86 -22.01 -26.10 12.63
N ASP A 87 -22.96 -26.70 11.90
CA ASP A 87 -24.20 -26.03 11.43
C ASP A 87 -25.25 -26.03 12.56
N THR A 88 -25.02 -25.24 13.60
CA THR A 88 -25.79 -25.24 14.86
C THR A 88 -27.24 -24.80 14.61
N ASP A 89 -27.53 -23.89 13.67
CA ASP A 89 -28.93 -23.42 13.42
C ASP A 89 -29.63 -24.30 12.36
N ARG A 90 -28.95 -25.35 11.87
CA ARG A 90 -29.50 -26.31 10.88
C ARG A 90 -30.00 -25.56 9.64
N SER A 91 -29.24 -24.56 9.18
CA SER A 91 -29.51 -23.80 7.94
C SER A 91 -29.07 -24.61 6.72
N GLY A 92 -28.27 -25.66 6.89
CA GLY A 92 -27.61 -26.37 5.78
C GLY A 92 -26.41 -25.60 5.25
N THR A 93 -26.06 -24.49 5.89
CA THR A 93 -24.97 -23.55 5.52
C THR A 93 -24.15 -23.23 6.76
N ILE A 94 -22.91 -22.79 6.58
CA ILE A 94 -22.00 -22.33 7.67
C ILE A 94 -21.96 -20.81 7.71
N GLY A 95 -22.56 -20.22 8.75
CA GLY A 95 -22.66 -18.76 9.02
C GLY A 95 -21.37 -18.21 9.56
N SER A 96 -21.20 -16.89 9.52
CA SER A 96 -19.99 -16.22 10.05
C SER A 96 -19.75 -16.62 11.53
N ASN A 97 -20.80 -16.83 12.31
CA ASN A 97 -20.69 -17.18 13.76
C ASN A 97 -20.22 -18.63 13.89
N GLU A 98 -20.43 -19.47 12.87
CA GLU A 98 -20.16 -20.93 12.92
C GLU A 98 -18.79 -21.26 12.33
N LEU A 99 -18.28 -20.41 11.44
CA LEU A 99 -17.10 -20.74 10.59
C LEU A 99 -15.86 -20.94 11.45
N PRO A 100 -15.55 -20.06 12.44
CA PRO A 100 -14.37 -20.26 13.29
C PRO A 100 -14.32 -21.67 13.92
N GLY A 101 -15.42 -22.14 14.51
CA GLY A 101 -15.45 -23.47 15.15
C GLY A 101 -15.19 -24.57 14.15
N ALA A 102 -15.81 -24.50 12.97
CA ALA A 102 -15.65 -25.50 11.90
C ALA A 102 -14.18 -25.58 11.44
N PHE A 103 -13.56 -24.45 11.16
CA PHE A 103 -12.16 -24.36 10.69
C PHE A 103 -11.20 -24.82 11.80
N GLU A 104 -11.53 -24.52 13.08
CA GLU A 104 -10.71 -24.93 14.24
C GLU A 104 -10.72 -26.47 14.29
N ALA A 105 -11.88 -27.08 14.10
CA ALA A 105 -12.05 -28.55 14.11
C ALA A 105 -11.28 -29.15 12.93
N ALA A 106 -11.15 -28.43 11.82
CA ALA A 106 -10.39 -28.86 10.63
C ALA A 106 -8.88 -28.68 10.89
N GLY A 107 -8.52 -27.99 11.96
CA GLY A 107 -7.10 -27.83 12.36
C GLY A 107 -6.48 -26.52 11.87
N PHE A 108 -7.29 -25.51 11.53
CA PHE A 108 -6.84 -24.16 11.13
C PHE A 108 -7.24 -23.18 12.26
N HIS A 109 -6.22 -22.78 13.00
CA HIS A 109 -6.22 -21.77 14.08
C HIS A 109 -5.89 -20.40 13.45
N LEU A 110 -6.93 -19.71 12.95
CA LEU A 110 -6.79 -18.43 12.21
C LEU A 110 -7.29 -17.28 13.06
N ASN A 111 -6.82 -16.09 12.77
CA ASN A 111 -7.22 -14.86 13.50
C ASN A 111 -8.47 -14.26 12.82
N GLN A 112 -9.23 -13.41 13.53
CA GLN A 112 -10.53 -12.91 13.03
C GLN A 112 -10.33 -12.16 11.70
N HIS A 113 -9.24 -11.41 11.50
CA HIS A 113 -9.01 -10.66 10.24
C HIS A 113 -8.99 -11.65 9.06
N ILE A 114 -8.40 -12.84 9.20
CA ILE A 114 -8.38 -13.89 8.13
C ILE A 114 -9.78 -14.49 7.98
N TYR A 115 -10.52 -14.74 9.06
CA TYR A 115 -11.90 -15.25 8.96
C TYR A 115 -12.74 -14.28 8.16
N SER A 116 -12.63 -13.00 8.44
CA SER A 116 -13.40 -11.91 7.77
C SER A 116 -13.13 -11.94 6.27
N MET A 117 -11.86 -12.08 5.87
CA MET A 117 -11.52 -12.06 4.44
C MET A 117 -12.07 -13.34 3.78
N ILE A 118 -12.02 -14.48 4.45
CA ILE A 118 -12.61 -15.73 3.91
C ILE A 118 -14.12 -15.58 3.67
N ILE A 119 -14.84 -15.05 4.66
CA ILE A 119 -16.31 -14.85 4.58
C ILE A 119 -16.58 -13.87 3.43
N ARG A 120 -15.79 -12.81 3.31
CA ARG A 120 -15.95 -11.84 2.22
C ARG A 120 -15.84 -12.57 0.87
N ARG A 121 -14.92 -13.49 0.69
CA ARG A 121 -14.54 -14.11 -0.59
C ARG A 121 -15.35 -15.40 -0.87
N TYR A 122 -15.92 -16.07 0.13
CA TYR A 122 -16.52 -17.41 -0.09
C TYR A 122 -18.00 -17.48 0.28
N SER A 123 -18.49 -16.53 1.07
CA SER A 123 -19.86 -16.55 1.65
C SER A 123 -20.70 -15.55 0.87
N ASP A 124 -22.01 -15.66 1.05
CA ASP A 124 -23.06 -14.86 0.35
C ASP A 124 -23.30 -13.56 1.13
N GLU A 125 -24.28 -12.74 0.71
CA GLU A 125 -24.50 -11.39 1.27
C GLU A 125 -24.98 -11.48 2.72
N THR A 126 -25.47 -12.63 3.18
CA THR A 126 -25.82 -12.88 4.61
C THR A 126 -24.62 -13.45 5.39
N GLY A 127 -23.47 -13.67 4.76
CA GLY A 127 -22.30 -14.24 5.45
C GLY A 127 -22.43 -15.73 5.71
N ASN A 128 -23.26 -16.41 4.92
CA ASN A 128 -23.44 -17.90 4.95
C ASN A 128 -22.68 -18.54 3.79
N MET A 129 -22.03 -19.65 4.07
CA MET A 129 -21.23 -20.45 3.10
C MET A 129 -21.93 -21.79 2.89
N ASP A 130 -22.21 -22.13 1.66
CA ASP A 130 -22.79 -23.43 1.27
C ASP A 130 -21.67 -24.48 1.15
N PHE A 131 -22.04 -25.70 0.87
CA PHE A 131 -21.19 -26.88 1.07
C PHE A 131 -20.04 -26.91 0.06
N ASP A 132 -20.33 -26.66 -1.22
CA ASP A 132 -19.30 -26.62 -2.28
C ASP A 132 -18.30 -25.52 -1.97
N ASN A 133 -18.75 -24.37 -1.49
CA ASN A 133 -17.87 -23.21 -1.19
C ASN A 133 -16.97 -23.59 -0.02
N PHE A 134 -17.51 -24.28 0.97
CA PHE A 134 -16.79 -24.68 2.20
C PHE A 134 -15.73 -25.71 1.84
N ILE A 135 -16.07 -26.71 1.04
CA ILE A 135 -15.08 -27.74 0.63
C ILE A 135 -14.01 -27.05 -0.23
N SER A 136 -14.41 -26.15 -1.12
CA SER A 136 -13.45 -25.51 -2.05
C SER A 136 -12.46 -24.66 -1.24
N CYS A 137 -12.98 -23.94 -0.25
CA CYS A 137 -12.19 -23.06 0.65
C CYS A 137 -11.18 -23.92 1.42
N LEU A 138 -11.61 -25.03 1.96
CA LEU A 138 -10.71 -25.86 2.79
C LEU A 138 -9.66 -26.55 1.91
N VAL A 139 -10.00 -27.02 0.70
CA VAL A 139 -8.99 -27.67 -0.18
C VAL A 139 -7.89 -26.64 -0.48
N ARG A 140 -8.27 -25.41 -0.77
CA ARG A 140 -7.28 -24.35 -1.08
C ARG A 140 -6.45 -23.99 0.17
N LEU A 141 -7.13 -23.77 1.29
CA LEU A 141 -6.50 -23.39 2.58
C LEU A 141 -5.50 -24.48 3.02
N ASP A 142 -5.93 -25.72 2.93
CA ASP A 142 -5.03 -26.86 3.19
C ASP A 142 -3.82 -26.85 2.25
N ALA A 143 -4.02 -26.73 0.96
CA ALA A 143 -2.92 -26.67 -0.03
C ALA A 143 -1.98 -25.46 0.25
N MET A 144 -2.52 -24.31 0.59
CA MET A 144 -1.70 -23.09 0.76
C MET A 144 -0.87 -23.17 2.04
N PHE A 145 -1.39 -23.81 3.08
CA PHE A 145 -0.64 -24.08 4.31
C PHE A 145 0.50 -25.07 4.00
N ARG A 146 0.22 -26.13 3.26
CA ARG A 146 1.22 -27.17 2.92
C ARG A 146 2.32 -26.53 2.03
N ALA A 147 1.96 -25.69 1.07
CA ALA A 147 2.96 -25.02 0.20
C ALA A 147 3.86 -24.11 1.05
N PHE A 148 3.28 -23.38 1.99
CA PHE A 148 4.02 -22.46 2.88
C PHE A 148 4.98 -23.28 3.74
N ARG A 149 4.48 -24.34 4.41
CA ARG A 149 5.30 -25.24 5.25
C ARG A 149 6.53 -25.68 4.45
N SER A 150 6.35 -26.14 3.20
CA SER A 150 7.46 -26.77 2.42
C SER A 150 8.50 -25.71 2.08
N LEU A 151 8.11 -24.45 1.91
CA LEU A 151 9.05 -23.36 1.58
C LEU A 151 9.65 -22.73 2.84
N ASP A 152 9.10 -22.93 4.04
CA ASP A 152 9.62 -22.35 5.32
C ASP A 152 10.46 -23.42 6.02
N LYS A 153 11.61 -23.73 5.44
CA LYS A 153 12.52 -24.82 5.90
C LYS A 153 13.13 -24.49 7.29
N ASN A 154 13.55 -23.25 7.51
CA ASN A 154 14.22 -22.83 8.78
C ASN A 154 13.14 -22.48 9.84
N GLY A 155 11.87 -22.61 9.52
CA GLY A 155 10.74 -22.34 10.44
C GLY A 155 10.70 -20.91 11.03
N THR A 156 10.83 -19.88 10.18
CA THR A 156 10.95 -18.46 10.61
C THR A 156 9.58 -17.76 10.45
N GLY A 157 8.65 -18.43 9.80
CA GLY A 157 7.34 -17.84 9.55
C GLY A 157 7.34 -16.97 8.32
N GLN A 158 8.37 -17.11 7.50
CA GLN A 158 8.56 -16.26 6.29
C GLN A 158 9.14 -17.12 5.17
N ILE A 159 8.68 -16.93 3.94
CA ILE A 159 9.22 -17.67 2.79
C ILE A 159 9.63 -16.64 1.77
N GLN A 160 10.45 -17.06 0.83
CA GLN A 160 10.99 -16.23 -0.27
C GLN A 160 10.60 -16.98 -1.54
N VAL A 161 10.02 -16.31 -2.56
CA VAL A 161 9.73 -16.93 -3.90
C VAL A 161 10.06 -15.96 -5.01
N ASN A 162 10.55 -16.49 -6.12
CA ASN A 162 10.62 -15.76 -7.39
C ASN A 162 9.26 -15.83 -8.12
N ILE A 163 9.18 -15.18 -9.27
CA ILE A 163 7.94 -14.99 -10.08
C ILE A 163 7.43 -16.36 -10.58
N GLN A 164 8.31 -17.29 -10.97
CA GLN A 164 7.87 -18.63 -11.46
C GLN A 164 7.26 -19.41 -10.30
N GLU A 165 7.86 -19.43 -9.12
CA GLU A 165 7.26 -20.17 -7.98
C GLU A 165 5.93 -19.48 -7.63
N TRP A 166 5.90 -18.15 -7.64
CA TRP A 166 4.70 -17.35 -7.36
C TRP A 166 3.56 -17.72 -8.33
N LEU A 167 3.79 -17.68 -9.64
CA LEU A 167 2.77 -18.04 -10.64
C LEU A 167 2.33 -19.51 -10.48
N GLN A 168 3.26 -20.47 -10.25
CA GLN A 168 2.92 -21.90 -9.99
C GLN A 168 1.97 -21.97 -8.79
N LEU A 169 2.18 -21.20 -7.72
CA LEU A 169 1.39 -21.38 -6.48
C LEU A 169 0.08 -20.58 -6.51
N THR A 170 -0.04 -19.58 -7.38
CA THR A 170 -1.20 -18.65 -7.36
C THR A 170 -2.14 -18.90 -8.55
N MET A 171 -1.58 -19.27 -9.69
CA MET A 171 -2.30 -19.50 -10.96
C MET A 171 -2.77 -20.95 -11.02
N TYR A 172 -1.91 -21.94 -10.75
CA TYR A 172 -2.27 -23.39 -10.73
C TYR A 172 -3.04 -23.73 -9.45
N SER A 173 -4.26 -23.20 -9.35
CA SER A 173 -5.16 -23.09 -8.19
C SER A 173 -6.47 -22.52 -8.71
N GLU B 1 -16.39 15.28 -19.94
CA GLU B 1 -15.30 14.31 -19.70
C GLU B 1 -15.58 13.05 -20.52
N GLU B 2 -16.88 12.78 -20.75
CA GLU B 2 -17.49 11.64 -21.51
C GLU B 2 -17.25 10.26 -20.86
N VAL B 3 -16.97 10.33 -19.54
CA VAL B 3 -16.86 9.24 -18.52
C VAL B 3 -18.21 9.21 -17.80
N ARG B 4 -19.21 9.97 -18.31
CA ARG B 4 -20.60 10.02 -17.83
C ARG B 4 -21.27 8.74 -18.28
N GLN B 5 -20.82 8.19 -19.42
CA GLN B 5 -21.37 6.91 -19.86
C GLN B 5 -21.01 5.88 -18.80
N PHE B 6 -19.75 5.85 -18.37
CA PHE B 6 -19.32 4.89 -17.34
C PHE B 6 -20.16 5.05 -16.09
N ARG B 7 -20.29 6.29 -15.61
CA ARG B 7 -21.05 6.59 -14.38
C ARG B 7 -22.49 6.11 -14.52
N LYS B 8 -23.14 6.35 -15.66
CA LYS B 8 -24.52 5.90 -15.94
C LYS B 8 -24.58 4.37 -15.84
N LEU B 9 -23.68 3.67 -16.52
CA LEU B 9 -23.63 2.19 -16.53
C LEU B 9 -23.45 1.68 -15.09
N PHE B 10 -22.52 2.28 -14.36
CA PHE B 10 -22.19 1.80 -13.01
C PHE B 10 -23.41 1.96 -12.12
N VAL B 11 -24.10 3.10 -12.18
CA VAL B 11 -25.23 3.38 -11.26
C VAL B 11 -26.35 2.39 -11.56
N GLN B 12 -26.61 2.11 -12.83
CA GLN B 12 -27.68 1.17 -13.23
C GLN B 12 -27.27 -0.25 -12.77
N LEU B 13 -26.00 -0.64 -12.90
CA LEU B 13 -25.55 -1.98 -12.46
C LEU B 13 -25.65 -2.12 -10.93
N ALA B 14 -25.28 -1.09 -10.19
CA ALA B 14 -24.97 -1.18 -8.75
C ALA B 14 -26.26 -1.22 -7.91
N GLY B 15 -27.34 -0.62 -8.40
CA GLY B 15 -28.63 -0.44 -7.69
C GLY B 15 -28.51 0.23 -6.32
N ASP B 16 -29.31 -0.24 -5.36
CA ASP B 16 -29.52 0.35 -4.01
C ASP B 16 -28.19 0.63 -3.28
N ASP B 17 -27.32 -0.37 -3.13
CA ASP B 17 -26.12 -0.21 -2.26
C ASP B 17 -25.02 0.57 -2.99
N MET B 18 -25.21 0.96 -4.26
CA MET B 18 -24.29 1.82 -5.06
C MET B 18 -22.89 1.16 -5.19
N GLU B 19 -22.82 -0.16 -5.11
CA GLU B 19 -21.60 -0.97 -5.40
C GLU B 19 -22.05 -2.19 -6.22
N VAL B 20 -21.12 -2.71 -7.04
CA VAL B 20 -21.39 -3.87 -7.93
C VAL B 20 -20.95 -5.15 -7.22
N SER B 21 -21.92 -6.02 -6.92
CA SER B 21 -21.67 -7.33 -6.28
C SER B 21 -21.18 -8.32 -7.34
N ALA B 22 -20.72 -9.48 -6.88
CA ALA B 22 -20.34 -10.61 -7.76
C ALA B 22 -21.55 -11.02 -8.63
N THR B 23 -22.75 -11.06 -8.06
CA THR B 23 -23.99 -11.46 -8.76
C THR B 23 -24.31 -10.43 -9.86
N GLU B 24 -24.21 -9.15 -9.56
CA GLU B 24 -24.49 -8.08 -10.55
C GLU B 24 -23.43 -8.15 -11.64
N LEU B 25 -22.19 -8.44 -11.31
CA LEU B 25 -21.10 -8.55 -12.32
C LEU B 25 -21.37 -9.74 -13.25
N MET B 26 -21.72 -10.90 -12.67
CA MET B 26 -22.05 -12.14 -13.41
C MET B 26 -23.18 -11.82 -14.40
N ASN B 27 -24.25 -11.18 -13.93
CA ASN B 27 -25.43 -10.90 -14.77
C ASN B 27 -25.03 -9.98 -15.95
N ILE B 28 -24.23 -8.94 -15.75
CA ILE B 28 -23.88 -8.01 -16.84
C ILE B 28 -22.90 -8.69 -17.81
N LEU B 29 -21.93 -9.47 -17.31
CA LEU B 29 -20.97 -10.20 -18.17
C LEU B 29 -21.73 -11.23 -19.01
N ASN B 30 -22.71 -11.96 -18.46
CA ASN B 30 -23.46 -12.99 -19.24
C ASN B 30 -24.29 -12.29 -20.32
N LYS B 31 -24.77 -11.08 -20.08
CA LYS B 31 -25.59 -10.29 -21.04
C LYS B 31 -24.67 -9.86 -22.21
N VAL B 32 -23.53 -9.26 -21.87
CA VAL B 32 -22.54 -8.76 -22.87
C VAL B 32 -22.08 -9.92 -23.76
N VAL B 33 -21.76 -11.06 -23.16
CA VAL B 33 -21.17 -12.21 -23.93
C VAL B 33 -22.19 -12.77 -24.93
N THR B 34 -23.49 -12.78 -24.63
CA THR B 34 -24.53 -13.28 -25.57
C THR B 34 -24.64 -12.36 -26.81
N ARG B 35 -24.23 -11.09 -26.75
CA ARG B 35 -24.19 -10.19 -27.94
C ARG B 35 -23.06 -10.60 -28.91
N HIS B 36 -22.14 -11.48 -28.48
CA HIS B 36 -20.93 -11.87 -29.24
C HIS B 36 -20.86 -13.39 -29.33
N PRO B 37 -21.68 -14.05 -30.18
CA PRO B 37 -21.66 -15.52 -30.29
C PRO B 37 -20.34 -16.08 -30.80
N ASP B 38 -19.44 -15.24 -31.28
CA ASP B 38 -18.05 -15.64 -31.59
C ASP B 38 -17.17 -15.73 -30.33
N LEU B 39 -17.66 -15.39 -29.16
CA LEU B 39 -17.01 -15.76 -27.87
C LEU B 39 -17.69 -17.05 -27.35
N LYS B 40 -17.06 -18.20 -27.56
CA LYS B 40 -17.52 -19.50 -27.01
C LYS B 40 -17.37 -19.43 -25.48
N THR B 41 -18.38 -19.83 -24.74
CA THR B 41 -18.39 -19.74 -23.30
C THR B 41 -19.56 -20.57 -22.77
N ASP B 42 -19.31 -21.29 -21.68
CA ASP B 42 -20.34 -21.96 -20.86
C ASP B 42 -20.88 -20.93 -19.86
N GLY B 43 -20.54 -19.63 -19.96
CA GLY B 43 -21.10 -18.61 -19.03
C GLY B 43 -20.12 -18.22 -17.93
N PHE B 44 -20.19 -16.99 -17.44
CA PHE B 44 -19.48 -16.60 -16.21
C PHE B 44 -20.29 -17.14 -15.04
N GLY B 45 -19.66 -17.97 -14.19
CA GLY B 45 -20.30 -18.54 -12.98
C GLY B 45 -20.06 -17.64 -11.78
N ILE B 46 -20.83 -17.83 -10.72
CA ILE B 46 -20.76 -16.99 -9.50
C ILE B 46 -19.36 -17.06 -8.86
N ASP B 47 -18.74 -18.25 -8.84
CA ASP B 47 -17.44 -18.42 -8.16
C ASP B 47 -16.36 -17.65 -8.90
N THR B 48 -16.33 -17.69 -10.24
CA THR B 48 -15.37 -16.90 -11.05
C THR B 48 -15.57 -15.40 -10.79
N CYS B 49 -16.83 -14.95 -10.76
CA CYS B 49 -17.18 -13.54 -10.47
C CYS B 49 -16.79 -13.12 -9.04
N ARG B 50 -17.03 -13.92 -8.00
CA ARG B 50 -16.57 -13.62 -6.62
C ARG B 50 -15.04 -13.45 -6.61
N SER B 51 -14.33 -14.30 -7.34
CA SER B 51 -12.85 -14.26 -7.45
C SER B 51 -12.43 -12.94 -8.12
N MET B 52 -13.11 -12.56 -9.21
CA MET B 52 -12.74 -11.29 -9.90
C MET B 52 -13.03 -10.12 -8.96
N VAL B 53 -14.14 -10.14 -8.23
CA VAL B 53 -14.45 -9.04 -7.28
C VAL B 53 -13.36 -9.00 -6.20
N ALA B 54 -13.04 -10.16 -5.61
CA ALA B 54 -12.02 -10.29 -4.55
C ALA B 54 -10.70 -9.64 -4.96
N VAL B 55 -10.11 -9.95 -6.12
CA VAL B 55 -8.78 -9.39 -6.49
C VAL B 55 -8.85 -7.89 -6.80
N MET B 56 -10.03 -7.37 -7.14
CA MET B 56 -10.24 -5.96 -7.51
C MET B 56 -10.71 -5.16 -6.28
N ASP B 57 -10.99 -5.82 -5.14
CA ASP B 57 -11.66 -5.18 -3.98
C ASP B 57 -10.60 -4.61 -3.03
N SER B 58 -9.90 -3.55 -3.47
CA SER B 58 -8.74 -2.91 -2.79
C SER B 58 -9.11 -2.34 -1.43
N ASP B 59 -10.36 -1.90 -1.23
CA ASP B 59 -10.85 -1.27 0.02
C ASP B 59 -11.63 -2.27 0.91
N THR B 60 -11.67 -3.56 0.53
CA THR B 60 -12.25 -4.69 1.30
C THR B 60 -13.72 -4.45 1.70
N THR B 61 -14.53 -3.83 0.85
CA THR B 61 -16.00 -3.70 1.08
C THR B 61 -16.73 -4.98 0.66
N GLY B 62 -16.04 -5.90 -0.02
CA GLY B 62 -16.61 -7.14 -0.59
C GLY B 62 -17.30 -6.90 -1.94
N LYS B 63 -17.32 -5.67 -2.43
CA LYS B 63 -17.97 -5.33 -3.73
C LYS B 63 -17.17 -4.21 -4.42
N LEU B 64 -17.52 -3.94 -5.67
CA LEU B 64 -16.76 -3.05 -6.55
C LEU B 64 -17.40 -1.69 -6.50
N GLY B 65 -16.68 -0.69 -5.98
CA GLY B 65 -17.02 0.73 -6.14
C GLY B 65 -16.70 1.17 -7.55
N PHE B 66 -17.01 2.43 -7.87
CA PHE B 66 -16.88 2.99 -9.24
C PHE B 66 -15.48 2.76 -9.84
N GLU B 67 -14.45 3.15 -9.11
CA GLU B 67 -13.04 3.10 -9.61
C GLU B 67 -12.59 1.65 -9.76
N GLU B 68 -12.93 0.77 -8.81
CA GLU B 68 -12.58 -0.67 -8.95
C GLU B 68 -13.28 -1.24 -10.19
N PHE B 69 -14.53 -0.86 -10.45
CA PHE B 69 -15.32 -1.42 -11.59
C PHE B 69 -14.76 -0.94 -12.93
N LYS B 70 -14.43 0.36 -13.01
CA LYS B 70 -13.81 0.98 -14.20
C LYS B 70 -12.53 0.24 -14.58
N TYR B 71 -11.65 -0.04 -13.60
CA TYR B 71 -10.36 -0.70 -13.83
C TYR B 71 -10.66 -2.09 -14.40
N LEU B 72 -11.58 -2.81 -13.75
CA LEU B 72 -11.91 -4.19 -14.20
C LEU B 72 -12.54 -4.14 -15.62
N TRP B 73 -13.52 -3.26 -15.80
CA TRP B 73 -14.30 -3.17 -17.06
C TRP B 73 -13.39 -2.82 -18.25
N ASN B 74 -12.51 -1.84 -18.05
CA ASN B 74 -11.48 -1.44 -19.06
C ASN B 74 -10.56 -2.61 -19.41
N ASN B 75 -10.13 -3.37 -18.42
CA ASN B 75 -9.30 -4.57 -18.69
C ASN B 75 -10.09 -5.59 -19.53
N ILE B 76 -11.35 -5.82 -19.16
CA ILE B 76 -12.18 -6.85 -19.86
C ILE B 76 -12.39 -6.42 -21.32
N LYS B 77 -12.63 -5.14 -21.59
CA LYS B 77 -12.81 -4.65 -22.99
C LYS B 77 -11.53 -4.86 -23.80
N LYS B 78 -10.38 -4.54 -23.22
CA LYS B 78 -9.08 -4.65 -23.92
C LYS B 78 -8.85 -6.16 -24.20
N TRP B 79 -9.09 -7.02 -23.23
CA TRP B 79 -8.81 -8.47 -23.36
C TRP B 79 -9.80 -9.15 -24.29
N GLN B 80 -11.05 -8.70 -24.35
CA GLN B 80 -12.04 -9.14 -25.37
C GLN B 80 -11.46 -8.87 -26.76
N GLY B 81 -10.92 -7.68 -27.01
CA GLY B 81 -10.33 -7.33 -28.32
C GLY B 81 -9.19 -8.28 -28.64
N ILE B 82 -8.38 -8.63 -27.65
CA ILE B 82 -7.19 -9.51 -27.84
C ILE B 82 -7.66 -10.94 -28.16
N TYR B 83 -8.69 -11.42 -27.46
CA TYR B 83 -9.27 -12.76 -27.66
C TYR B 83 -9.64 -12.91 -29.11
N LYS B 84 -10.41 -11.99 -29.68
CA LYS B 84 -10.89 -12.09 -31.08
C LYS B 84 -9.69 -12.03 -32.02
N ARG B 85 -8.74 -11.12 -31.81
CA ARG B 85 -7.61 -10.93 -32.74
C ARG B 85 -6.73 -12.18 -32.71
N PHE B 86 -6.53 -12.83 -31.58
CA PHE B 86 -5.56 -13.95 -31.52
C PHE B 86 -6.27 -15.28 -31.76
N ASP B 87 -7.59 -15.28 -31.98
CA ASP B 87 -8.38 -16.47 -32.37
C ASP B 87 -8.24 -16.66 -33.89
N THR B 88 -7.05 -17.02 -34.34
CA THR B 88 -6.66 -17.00 -35.78
C THR B 88 -7.43 -18.06 -36.54
N ASP B 89 -7.81 -19.21 -35.95
CA ASP B 89 -8.58 -20.27 -36.67
C ASP B 89 -10.10 -20.04 -36.51
N ARG B 90 -10.51 -18.97 -35.84
CA ARG B 90 -11.94 -18.56 -35.69
C ARG B 90 -12.74 -19.72 -35.06
N SER B 91 -12.18 -20.35 -34.06
CA SER B 91 -12.83 -21.42 -33.25
C SER B 91 -13.76 -20.78 -32.21
N GLY B 92 -13.64 -19.49 -31.92
CA GLY B 92 -14.31 -18.85 -30.76
C GLY B 92 -13.61 -19.17 -29.44
N THR B 93 -12.47 -19.86 -29.52
CA THR B 93 -11.65 -20.28 -28.35
C THR B 93 -10.19 -19.90 -28.62
N ILE B 94 -9.39 -19.81 -27.56
CA ILE B 94 -7.92 -19.60 -27.63
C ILE B 94 -7.19 -20.91 -27.36
N GLY B 95 -6.56 -21.46 -28.43
CA GLY B 95 -5.86 -22.74 -28.44
C GLY B 95 -4.47 -22.57 -27.86
N SER B 96 -3.80 -23.67 -27.52
CA SER B 96 -2.44 -23.64 -26.96
C SER B 96 -1.48 -22.92 -27.91
N ASN B 97 -1.66 -22.99 -29.22
CA ASN B 97 -0.78 -22.34 -30.23
C ASN B 97 -1.05 -20.81 -30.23
N GLU B 98 -2.25 -20.39 -29.79
CA GLU B 98 -2.68 -18.98 -29.85
C GLU B 98 -2.39 -18.26 -28.53
N LEU B 99 -2.29 -18.98 -27.44
CA LEU B 99 -2.28 -18.41 -26.07
C LEU B 99 -1.03 -17.56 -25.84
N PRO B 100 0.18 -17.99 -26.23
CA PRO B 100 1.37 -17.14 -26.07
C PRO B 100 1.18 -15.75 -26.69
N GLY B 101 0.74 -15.67 -27.96
CA GLY B 101 0.56 -14.39 -28.64
C GLY B 101 -0.47 -13.52 -27.90
N ALA B 102 -1.58 -14.09 -27.49
CA ALA B 102 -2.66 -13.34 -26.80
C ALA B 102 -2.15 -12.76 -25.47
N PHE B 103 -1.46 -13.55 -24.66
CA PHE B 103 -0.92 -13.12 -23.36
C PHE B 103 0.18 -12.07 -23.58
N GLU B 104 0.99 -12.22 -24.62
CA GLU B 104 2.08 -11.25 -24.96
C GLU B 104 1.41 -9.90 -25.27
N ALA B 105 0.31 -9.91 -26.03
CA ALA B 105 -0.41 -8.68 -26.41
C ALA B 105 -1.00 -8.03 -25.14
N ALA B 106 -1.38 -8.85 -24.16
CA ALA B 106 -1.93 -8.39 -22.86
C ALA B 106 -0.77 -7.85 -21.99
N GLY B 107 0.47 -8.12 -22.36
CA GLY B 107 1.60 -7.56 -21.63
C GLY B 107 2.28 -8.56 -20.71
N PHE B 108 2.02 -9.86 -20.87
CA PHE B 108 2.62 -10.95 -20.07
C PHE B 108 3.52 -11.78 -20.98
N HIS B 109 4.83 -11.55 -20.88
CA HIS B 109 5.90 -12.28 -21.60
C HIS B 109 6.42 -13.39 -20.66
N LEU B 110 5.79 -14.56 -20.71
CA LEU B 110 6.02 -15.75 -19.86
C LEU B 110 6.76 -16.83 -20.63
N ASN B 111 7.35 -17.77 -19.93
CA ASN B 111 8.07 -18.90 -20.57
C ASN B 111 7.10 -20.06 -20.82
N GLN B 112 7.45 -21.00 -21.71
CA GLN B 112 6.56 -22.10 -22.16
C GLN B 112 6.06 -22.89 -20.93
N HIS B 113 6.89 -23.15 -19.94
N HIS B 113 6.91 -23.14 -19.94
CA HIS B 113 6.51 -23.98 -18.78
CA HIS B 113 6.56 -23.93 -18.73
C HIS B 113 5.34 -23.30 -18.04
C HIS B 113 5.34 -23.30 -18.06
N ILE B 114 5.31 -21.97 -17.90
CA ILE B 114 4.14 -21.24 -17.31
C ILE B 114 2.93 -21.29 -18.26
N TYR B 115 3.11 -21.16 -19.57
CA TYR B 115 1.96 -21.23 -20.51
C TYR B 115 1.32 -22.63 -20.38
N SER B 116 2.13 -23.68 -20.28
CA SER B 116 1.66 -25.07 -20.15
C SER B 116 0.88 -25.24 -18.85
N MET B 117 1.32 -24.65 -17.76
CA MET B 117 0.63 -24.72 -16.45
C MET B 117 -0.75 -24.02 -16.59
N ILE B 118 -0.81 -22.91 -17.31
CA ILE B 118 -2.07 -22.16 -17.50
C ILE B 118 -3.06 -22.98 -18.33
N ILE B 119 -2.59 -23.58 -19.39
CA ILE B 119 -3.37 -24.48 -20.28
C ILE B 119 -3.88 -25.64 -19.45
N ARG B 120 -3.06 -26.21 -18.62
CA ARG B 120 -3.43 -27.37 -17.77
C ARG B 120 -4.61 -26.94 -16.88
N ARG B 121 -4.58 -25.74 -16.30
CA ARG B 121 -5.57 -25.33 -15.29
C ARG B 121 -6.81 -24.64 -15.91
N TYR B 122 -6.75 -24.06 -17.11
CA TYR B 122 -7.83 -23.17 -17.57
C TYR B 122 -8.41 -23.62 -18.92
N SER B 123 -7.76 -24.55 -19.61
CA SER B 123 -8.15 -25.02 -20.94
C SER B 123 -8.75 -26.41 -20.78
N ASP B 124 -9.46 -26.86 -21.82
CA ASP B 124 -10.17 -28.17 -21.90
C ASP B 124 -9.17 -29.23 -22.43
N GLU B 125 -9.63 -30.46 -22.65
CA GLU B 125 -8.75 -31.61 -22.97
C GLU B 125 -8.15 -31.42 -24.37
N THR B 126 -8.69 -30.55 -25.22
CA THR B 126 -8.06 -30.17 -26.54
C THR B 126 -7.10 -28.96 -26.39
N GLY B 127 -6.92 -28.43 -25.16
CA GLY B 127 -6.00 -27.30 -24.95
C GLY B 127 -6.59 -25.99 -25.45
N ASN B 128 -7.93 -25.90 -25.53
CA ASN B 128 -8.68 -24.69 -25.92
C ASN B 128 -9.28 -24.04 -24.68
N MET B 129 -9.18 -22.73 -24.61
CA MET B 129 -9.72 -21.91 -23.51
C MET B 129 -10.85 -21.03 -24.05
N ASP B 130 -12.00 -21.10 -23.43
CA ASP B 130 -13.20 -20.32 -23.73
C ASP B 130 -13.07 -18.96 -23.03
N PHE B 131 -14.01 -18.09 -23.29
CA PHE B 131 -13.89 -16.65 -23.04
C PHE B 131 -13.88 -16.33 -21.55
N ASP B 132 -14.83 -16.90 -20.79
CA ASP B 132 -14.91 -16.64 -19.33
C ASP B 132 -13.60 -17.14 -18.69
N ASN B 133 -13.05 -18.27 -19.16
CA ASN B 133 -11.86 -18.87 -18.55
C ASN B 133 -10.67 -17.94 -18.83
N PHE B 134 -10.60 -17.39 -20.03
CA PHE B 134 -9.54 -16.49 -20.49
C PHE B 134 -9.59 -15.21 -19.69
N ILE B 135 -10.77 -14.61 -19.53
CA ILE B 135 -10.90 -13.34 -18.73
C ILE B 135 -10.53 -13.65 -17.27
N SER B 136 -10.98 -14.78 -16.75
CA SER B 136 -10.76 -15.07 -15.32
C SER B 136 -9.25 -15.27 -15.06
N CYS B 137 -8.59 -15.96 -15.99
CA CYS B 137 -7.13 -16.20 -15.97
C CYS B 137 -6.40 -14.86 -16.02
N LEU B 138 -6.80 -13.95 -16.90
CA LEU B 138 -6.08 -12.67 -17.04
C LEU B 138 -6.30 -11.78 -15.81
N VAL B 139 -7.50 -11.75 -15.23
CA VAL B 139 -7.78 -10.90 -14.04
C VAL B 139 -6.84 -11.37 -12.92
N ARG B 140 -6.73 -12.67 -12.75
CA ARG B 140 -5.89 -13.23 -11.68
C ARG B 140 -4.40 -12.97 -11.98
N LEU B 141 -3.95 -13.23 -13.22
CA LEU B 141 -2.53 -13.09 -13.63
C LEU B 141 -2.12 -11.62 -13.47
N ASP B 142 -2.97 -10.73 -13.89
CA ASP B 142 -2.72 -9.27 -13.69
C ASP B 142 -2.60 -8.94 -12.19
N ALA B 143 -3.53 -9.37 -11.36
CA ALA B 143 -3.47 -9.15 -9.92
C ALA B 143 -2.19 -9.77 -9.33
N MET B 144 -1.83 -10.99 -9.73
CA MET B 144 -0.65 -11.69 -9.13
C MET B 144 0.67 -10.99 -9.54
N PHE B 145 0.77 -10.44 -10.76
CA PHE B 145 1.92 -9.61 -11.18
C PHE B 145 1.96 -8.32 -10.36
N ARG B 146 0.84 -7.65 -10.18
CA ARG B 146 0.77 -6.38 -9.39
C ARG B 146 1.15 -6.65 -7.94
N ALA B 147 0.67 -7.73 -7.31
CA ALA B 147 1.00 -8.09 -5.92
C ALA B 147 2.50 -8.33 -5.78
N PHE B 148 3.09 -9.05 -6.75
CA PHE B 148 4.51 -9.40 -6.73
C PHE B 148 5.32 -8.11 -6.88
N ARG B 149 5.03 -7.29 -7.88
CA ARG B 149 5.74 -6.01 -8.11
C ARG B 149 5.73 -5.18 -6.82
N SER B 150 4.58 -5.07 -6.12
CA SER B 150 4.49 -4.16 -4.96
C SER B 150 5.29 -4.71 -3.79
N LEU B 151 5.52 -6.02 -3.68
CA LEU B 151 6.39 -6.61 -2.61
C LEU B 151 7.86 -6.66 -3.04
N ASP B 152 8.21 -6.53 -4.32
CA ASP B 152 9.60 -6.60 -4.84
C ASP B 152 10.13 -5.18 -5.02
N LYS B 153 10.34 -4.48 -3.92
CA LYS B 153 10.75 -3.04 -3.92
C LYS B 153 12.20 -2.86 -4.46
N ASN B 154 13.12 -3.75 -4.09
CA ASN B 154 14.55 -3.68 -4.54
C ASN B 154 14.66 -4.29 -5.95
N GLY B 155 13.58 -4.78 -6.55
CA GLY B 155 13.60 -5.38 -7.89
C GLY B 155 14.58 -6.56 -8.07
N THR B 156 14.59 -7.53 -7.15
CA THR B 156 15.54 -8.67 -7.12
C THR B 156 14.89 -9.91 -7.71
N GLY B 157 13.60 -9.85 -7.97
CA GLY B 157 12.83 -10.95 -8.56
C GLY B 157 12.42 -11.94 -7.49
N GLN B 158 12.46 -11.55 -6.23
CA GLN B 158 12.20 -12.46 -5.09
C GLN B 158 11.46 -11.62 -4.05
N ILE B 159 10.49 -12.20 -3.38
CA ILE B 159 9.46 -11.59 -2.50
C ILE B 159 9.58 -12.36 -1.20
N GLN B 160 9.24 -11.73 -0.09
CA GLN B 160 9.24 -12.36 1.24
C GLN B 160 7.86 -12.14 1.85
N VAL B 161 7.19 -13.20 2.25
CA VAL B 161 5.84 -13.06 2.90
C VAL B 161 5.72 -13.96 4.11
N ASN B 162 5.05 -13.47 5.15
CA ASN B 162 4.56 -14.32 6.24
C ASN B 162 3.23 -14.98 5.86
N ILE B 163 2.69 -15.80 6.77
CA ILE B 163 1.50 -16.67 6.52
C ILE B 163 0.25 -15.79 6.32
N GLN B 164 0.09 -14.68 7.03
CA GLN B 164 -1.11 -13.80 6.86
C GLN B 164 -1.04 -13.10 5.51
N GLU B 165 0.11 -12.60 5.07
CA GLU B 165 0.18 -11.95 3.71
C GLU B 165 -0.05 -13.03 2.68
N TRP B 166 0.51 -14.22 2.90
CA TRP B 166 0.34 -15.38 1.97
C TRP B 166 -1.15 -15.73 1.82
N LEU B 167 -1.87 -15.93 2.92
CA LEU B 167 -3.33 -16.26 2.90
C LEU B 167 -4.13 -15.12 2.23
N GLN B 168 -3.84 -13.85 2.52
CA GLN B 168 -4.46 -12.67 1.86
C GLN B 168 -4.27 -12.80 0.36
N LEU B 169 -3.09 -13.16 -0.14
CA LEU B 169 -2.79 -13.06 -1.60
C LEU B 169 -3.21 -14.35 -2.32
N THR B 170 -3.55 -15.41 -1.60
CA THR B 170 -3.80 -16.70 -2.29
C THR B 170 -5.21 -17.26 -2.10
N MET B 171 -5.97 -16.76 -1.13
CA MET B 171 -7.31 -17.36 -0.87
C MET B 171 -8.42 -16.71 -1.71
N TYR B 172 -8.77 -17.34 -2.84
CA TYR B 172 -9.79 -16.86 -3.83
C TYR B 172 -10.58 -18.02 -4.44
N SER B 173 -11.81 -17.77 -4.91
CA SER B 173 -13.00 -17.34 -4.13
C SER B 173 -14.26 -18.00 -4.68
N GLU C 1 25.01 47.78 -1.83
CA GLU C 1 24.52 48.18 -0.48
C GLU C 1 23.21 48.96 -0.63
N GLU C 2 22.37 48.49 -1.55
CA GLU C 2 20.97 48.97 -1.74
C GLU C 2 20.04 47.98 -1.00
N VAL C 3 20.62 47.14 -0.15
CA VAL C 3 19.94 46.16 0.73
C VAL C 3 19.57 46.88 2.03
N ARG C 4 20.09 48.08 2.23
CA ARG C 4 19.72 48.91 3.41
C ARG C 4 18.29 49.39 3.17
N GLN C 5 17.95 49.67 1.92
CA GLN C 5 16.58 50.08 1.56
C GLN C 5 15.65 48.90 1.84
N PHE C 6 16.08 47.69 1.48
CA PHE C 6 15.26 46.48 1.70
C PHE C 6 15.08 46.23 3.20
N ARG C 7 16.15 46.34 3.98
CA ARG C 7 16.10 46.23 5.47
C ARG C 7 15.13 47.27 6.05
N LYS C 8 15.13 48.49 5.56
CA LYS C 8 14.18 49.56 6.00
C LYS C 8 12.75 49.11 5.69
N LEU C 9 12.46 48.59 4.50
CA LEU C 9 11.11 48.09 4.11
C LEU C 9 10.68 46.98 5.10
N PHE C 10 11.57 46.04 5.40
CA PHE C 10 11.30 44.96 6.38
C PHE C 10 10.91 45.58 7.73
N VAL C 11 11.69 46.53 8.23
CA VAL C 11 11.47 47.07 9.61
C VAL C 11 10.10 47.79 9.62
N GLN C 12 9.73 48.49 8.57
CA GLN C 12 8.40 49.14 8.42
C GLN C 12 7.30 48.07 8.40
N LEU C 13 7.48 47.01 7.65
CA LEU C 13 6.45 45.94 7.50
C LEU C 13 6.29 45.16 8.81
N ALA C 14 7.38 44.94 9.55
CA ALA C 14 7.41 44.17 10.80
C ALA C 14 6.74 44.93 11.97
N GLY C 15 6.73 46.27 11.95
CA GLY C 15 6.30 47.13 13.06
C GLY C 15 7.13 46.94 14.34
N ASP C 16 6.46 47.14 15.48
CA ASP C 16 7.01 47.13 16.86
C ASP C 16 7.90 45.92 17.13
N ASP C 17 7.35 44.71 16.97
CA ASP C 17 8.02 43.48 17.45
C ASP C 17 9.19 43.11 16.53
N MET C 18 9.42 43.84 15.43
CA MET C 18 10.60 43.70 14.53
C MET C 18 10.62 42.30 13.89
N GLU C 19 9.47 41.61 13.81
CA GLU C 19 9.26 40.39 13.02
C GLU C 19 7.94 40.50 12.25
N VAL C 20 7.85 39.82 11.12
CA VAL C 20 6.64 39.82 10.25
C VAL C 20 5.80 38.59 10.62
N SER C 21 4.62 38.79 11.19
CA SER C 21 3.67 37.70 11.54
C SER C 21 2.96 37.19 10.28
N ALA C 22 2.17 36.12 10.44
CA ALA C 22 1.28 35.58 9.40
C ALA C 22 0.29 36.67 8.91
N THR C 23 -0.26 37.44 9.84
CA THR C 23 -1.28 38.49 9.57
C THR C 23 -0.61 39.61 8.78
N GLU C 24 0.60 40.03 9.19
CA GLU C 24 1.33 41.13 8.49
C GLU C 24 1.70 40.63 7.09
N LEU C 25 2.07 39.38 6.93
CA LEU C 25 2.44 38.84 5.59
C LEU C 25 1.21 38.82 4.69
N MET C 26 0.07 38.32 5.21
CA MET C 26 -1.23 38.28 4.50
C MET C 26 -1.57 39.69 4.02
N ASN C 27 -1.50 40.69 4.91
CA ASN C 27 -1.89 42.08 4.56
C ASN C 27 -0.97 42.60 3.44
N ILE C 28 0.34 42.41 3.51
CA ILE C 28 1.25 42.97 2.47
C ILE C 28 1.09 42.19 1.14
N LEU C 29 0.92 40.87 1.18
CA LEU C 29 0.69 40.05 -0.05
C LEU C 29 -0.64 40.48 -0.70
N ASN C 30 -1.71 40.69 0.07
CA ASN C 30 -3.04 41.06 -0.51
C ASN C 30 -2.92 42.47 -1.10
N LYS C 31 -2.09 43.35 -0.54
CA LYS C 31 -1.85 44.74 -1.04
C LYS C 31 -1.15 44.65 -2.41
N VAL C 32 -0.04 43.93 -2.47
CA VAL C 32 0.80 43.75 -3.68
C VAL C 32 -0.07 43.15 -4.80
N VAL C 33 -0.86 42.13 -4.51
CA VAL C 33 -1.61 41.37 -5.55
C VAL C 33 -2.68 42.28 -6.17
N THR C 34 -3.29 43.22 -5.43
CA THR C 34 -4.31 44.14 -5.99
C THR C 34 -3.67 45.12 -6.98
N ARG C 35 -2.38 45.42 -6.88
CA ARG C 35 -1.64 46.28 -7.85
C ARG C 35 -1.34 45.51 -9.14
N HIS C 36 -1.65 44.20 -9.22
CA HIS C 36 -1.40 43.34 -10.41
C HIS C 36 -2.71 42.63 -10.82
N PRO C 37 -3.60 43.34 -11.56
CA PRO C 37 -4.82 42.73 -12.08
C PRO C 37 -4.57 41.57 -13.07
N ASP C 38 -3.33 41.37 -13.46
CA ASP C 38 -2.79 40.20 -14.21
C ASP C 38 -2.86 38.92 -13.33
N LEU C 39 -2.94 39.04 -11.99
CA LEU C 39 -2.87 37.86 -11.07
C LEU C 39 -4.27 37.54 -10.53
N LYS C 40 -4.94 36.53 -11.08
CA LYS C 40 -6.24 36.02 -10.57
C LYS C 40 -5.96 35.36 -9.21
N THR C 41 -6.77 35.69 -8.21
CA THR C 41 -6.61 35.18 -6.84
C THR C 41 -7.88 35.42 -6.06
N ASP C 42 -8.27 34.47 -5.22
CA ASP C 42 -9.33 34.66 -4.19
C ASP C 42 -8.68 35.26 -2.94
N GLY C 43 -7.43 35.71 -2.98
CA GLY C 43 -6.73 36.34 -1.83
C GLY C 43 -5.86 35.36 -1.10
N PHE C 44 -4.80 35.84 -0.45
CA PHE C 44 -4.02 35.02 0.51
C PHE C 44 -4.82 35.02 1.82
N GLY C 45 -5.18 33.83 2.30
CA GLY C 45 -5.85 33.62 3.59
C GLY C 45 -4.84 33.35 4.69
N ILE C 46 -5.30 33.43 5.94
CA ILE C 46 -4.47 33.29 7.18
C ILE C 46 -3.79 31.94 7.18
N ASP C 47 -4.53 30.87 6.87
CA ASP C 47 -3.97 29.50 6.98
C ASP C 47 -2.78 29.35 6.02
N THR C 48 -2.89 29.82 4.78
CA THR C 48 -1.80 29.78 3.77
C THR C 48 -0.60 30.59 4.28
N CYS C 49 -0.84 31.78 4.82
CA CYS C 49 0.21 32.66 5.38
C CYS C 49 0.85 32.08 6.64
N ARG C 50 0.12 31.46 7.58
CA ARG C 50 0.72 30.76 8.75
C ARG C 50 1.64 29.65 8.24
N SER C 51 1.20 28.93 7.21
CA SER C 51 1.97 27.81 6.61
C SER C 51 3.26 28.37 6.02
N MET C 52 3.18 29.48 5.29
CA MET C 52 4.39 30.07 4.64
C MET C 52 5.34 30.53 5.76
N VAL C 53 4.83 31.17 6.80
CA VAL C 53 5.70 31.58 7.94
C VAL C 53 6.33 30.34 8.58
N ALA C 54 5.56 29.30 8.84
CA ALA C 54 6.01 28.07 9.52
C ALA C 54 7.18 27.45 8.74
N VAL C 55 7.09 27.23 7.43
CA VAL C 55 8.19 26.55 6.68
C VAL C 55 9.40 27.47 6.55
N MET C 56 9.24 28.78 6.71
CA MET C 56 10.35 29.76 6.61
C MET C 56 10.94 30.07 7.98
N ASP C 57 10.33 29.59 9.07
CA ASP C 57 10.66 30.03 10.45
C ASP C 57 11.80 29.16 11.03
N SER C 58 13.01 29.28 10.47
CA SER C 58 14.21 28.43 10.74
C SER C 58 14.64 28.54 12.20
N ASP C 59 14.42 29.68 12.86
CA ASP C 59 14.81 29.94 14.28
C ASP C 59 13.64 29.73 15.27
N THR C 60 12.47 29.25 14.80
CA THR C 60 11.27 28.88 15.59
C THR C 60 10.80 30.01 16.53
N THR C 61 10.85 31.27 16.08
CA THR C 61 10.26 32.43 16.79
C THR C 61 8.76 32.53 16.51
N GLY C 62 8.26 31.78 15.53
CA GLY C 62 6.85 31.81 15.10
C GLY C 62 6.56 32.95 14.12
N LYS C 63 7.56 33.75 13.78
CA LYS C 63 7.43 34.90 12.84
C LYS C 63 8.73 35.09 12.04
N LEU C 64 8.70 35.95 11.03
CA LEU C 64 9.80 36.07 10.05
C LEU C 64 10.68 37.21 10.48
N GLY C 65 11.92 36.94 10.82
CA GLY C 65 12.96 37.96 10.94
C GLY C 65 13.48 38.32 9.55
N PHE C 66 14.46 39.19 9.50
CA PHE C 66 14.97 39.83 8.27
C PHE C 66 15.39 38.80 7.23
N GLU C 67 16.28 37.86 7.58
CA GLU C 67 16.87 36.93 6.58
C GLU C 67 15.76 35.99 6.11
N GLU C 68 14.87 35.56 6.99
CA GLU C 68 13.77 34.65 6.58
C GLU C 68 12.88 35.41 5.57
N PHE C 69 12.59 36.69 5.85
CA PHE C 69 11.68 37.49 5.00
C PHE C 69 12.31 37.79 3.62
N LYS C 70 13.58 38.17 3.60
CA LYS C 70 14.35 38.45 2.37
C LYS C 70 14.30 37.22 1.43
N TYR C 71 14.54 36.04 1.98
CA TYR C 71 14.58 34.79 1.21
C TYR C 71 13.18 34.58 0.62
N LEU C 72 12.15 34.72 1.46
CA LEU C 72 10.76 34.49 1.03
C LEU C 72 10.37 35.55 -0.01
N TRP C 73 10.65 36.82 0.29
CA TRP C 73 10.26 37.97 -0.57
C TRP C 73 10.90 37.81 -1.94
N ASN C 74 12.22 37.57 -1.98
CA ASN C 74 12.97 37.40 -3.26
C ASN C 74 12.40 36.22 -4.04
N ASN C 75 12.05 35.11 -3.37
CA ASN C 75 11.41 33.97 -4.04
C ASN C 75 10.06 34.41 -4.62
N ILE C 76 9.25 35.14 -3.88
CA ILE C 76 7.89 35.54 -4.32
C ILE C 76 8.01 36.47 -5.54
N LYS C 77 8.96 37.40 -5.55
CA LYS C 77 9.10 38.32 -6.72
C LYS C 77 9.55 37.51 -7.94
N LYS C 78 10.46 36.57 -7.78
CA LYS C 78 10.96 35.75 -8.90
C LYS C 78 9.78 34.89 -9.41
N TRP C 79 9.01 34.29 -8.52
CA TRP C 79 7.91 33.36 -8.91
C TRP C 79 6.73 34.14 -9.54
N GLN C 80 6.47 35.37 -9.09
CA GLN C 80 5.51 36.30 -9.73
C GLN C 80 5.93 36.50 -11.20
N GLY C 81 7.18 36.76 -11.48
CA GLY C 81 7.66 36.99 -12.84
C GLY C 81 7.46 35.74 -13.68
N ILE C 82 7.68 34.56 -13.10
CA ILE C 82 7.54 33.28 -13.83
C ILE C 82 6.06 33.01 -14.12
N TYR C 83 5.18 33.26 -13.15
CA TYR C 83 3.73 33.08 -13.27
C TYR C 83 3.26 33.83 -14.52
N LYS C 84 3.59 35.11 -14.66
CA LYS C 84 3.11 35.92 -15.80
C LYS C 84 3.68 35.37 -17.11
N ARG C 85 4.96 35.04 -17.15
CA ARG C 85 5.68 34.60 -18.37
C ARG C 85 5.10 33.26 -18.82
N PHE C 86 4.73 32.36 -17.93
CA PHE C 86 4.29 31.00 -18.35
C PHE C 86 2.76 30.95 -18.46
N ASP C 87 2.05 32.06 -18.20
CA ASP C 87 0.58 32.19 -18.37
C ASP C 87 0.30 32.54 -19.83
N THR C 88 0.51 31.57 -20.71
CA THR C 88 0.53 31.78 -22.19
C THR C 88 -0.84 32.20 -22.71
N ASP C 89 -1.95 31.78 -22.12
CA ASP C 89 -3.31 32.22 -22.60
C ASP C 89 -3.79 33.50 -21.87
N ARG C 90 -2.95 34.07 -20.99
CA ARG C 90 -3.28 35.32 -20.23
C ARG C 90 -4.61 35.15 -19.46
N SER C 91 -4.84 33.97 -18.88
CA SER C 91 -6.01 33.66 -18.01
C SER C 91 -5.82 34.30 -16.62
N GLY C 92 -4.60 34.69 -16.24
CA GLY C 92 -4.29 35.08 -14.86
C GLY C 92 -4.16 33.87 -13.95
N THR C 93 -4.21 32.66 -14.51
CA THR C 93 -4.05 31.37 -13.82
C THR C 93 -3.00 30.52 -14.57
N ILE C 94 -2.37 29.59 -13.88
CA ILE C 94 -1.46 28.55 -14.44
C ILE C 94 -2.22 27.22 -14.60
N GLY C 95 -2.45 26.85 -15.86
CA GLY C 95 -3.14 25.63 -16.32
C GLY C 95 -2.21 24.45 -16.24
N SER C 96 -2.75 23.24 -16.25
CA SER C 96 -1.92 22.02 -16.18
C SER C 96 -0.92 22.00 -17.36
N ASN C 97 -1.26 22.57 -18.53
CA ASN C 97 -0.31 22.59 -19.69
C ASN C 97 0.85 23.59 -19.43
N GLU C 98 0.64 24.58 -18.55
CA GLU C 98 1.60 25.68 -18.30
C GLU C 98 2.50 25.39 -17.09
N LEU C 99 2.04 24.54 -16.18
CA LEU C 99 2.67 24.35 -14.85
C LEU C 99 4.07 23.76 -15.01
N PRO C 100 4.29 22.70 -15.83
CA PRO C 100 5.64 22.11 -15.93
C PRO C 100 6.68 23.15 -16.39
N GLY C 101 6.37 23.99 -17.38
CA GLY C 101 7.29 25.05 -17.84
C GLY C 101 7.65 26.01 -16.71
N ALA C 102 6.64 26.46 -15.98
CA ALA C 102 6.79 27.43 -14.86
C ALA C 102 7.69 26.84 -13.76
N PHE C 103 7.44 25.60 -13.34
CA PHE C 103 8.21 24.92 -12.27
C PHE C 103 9.64 24.68 -12.75
N GLU C 104 9.82 24.34 -14.03
CA GLU C 104 11.18 24.13 -14.59
C GLU C 104 11.97 25.44 -14.50
N ALA C 105 11.34 26.56 -14.87
CA ALA C 105 11.93 27.91 -14.82
C ALA C 105 12.28 28.26 -13.37
N ALA C 106 11.52 27.76 -12.39
CA ALA C 106 11.76 27.98 -10.96
C ALA C 106 12.89 27.07 -10.47
N GLY C 107 13.34 26.14 -11.30
CA GLY C 107 14.46 25.24 -10.98
C GLY C 107 14.03 23.91 -10.37
N PHE C 108 12.76 23.51 -10.54
CA PHE C 108 12.24 22.20 -10.08
C PHE C 108 11.95 21.34 -11.30
N HIS C 109 12.85 20.38 -11.52
CA HIS C 109 12.83 19.38 -12.61
C HIS C 109 12.17 18.12 -12.02
N LEU C 110 10.83 18.07 -12.07
CA LEU C 110 9.98 17.03 -11.46
C LEU C 110 9.42 16.12 -12.56
N ASN C 111 9.05 14.91 -12.17
CA ASN C 111 8.47 13.94 -13.13
C ASN C 111 6.94 14.15 -13.16
N GLN C 112 6.28 13.63 -14.19
CA GLN C 112 4.86 13.88 -14.50
C GLN C 112 4.03 13.45 -13.28
N HIS C 113 4.34 12.33 -12.64
N HIS C 113 4.37 12.34 -12.63
CA HIS C 113 3.47 11.82 -11.53
CA HIS C 113 3.60 11.79 -11.49
C HIS C 113 3.46 12.84 -10.40
C HIS C 113 3.47 12.84 -10.40
N ILE C 114 4.57 13.53 -10.09
CA ILE C 114 4.60 14.62 -9.08
C ILE C 114 3.83 15.85 -9.58
N TYR C 115 3.94 16.24 -10.84
CA TYR C 115 3.18 17.40 -11.38
C TYR C 115 1.68 17.12 -11.22
N SER C 116 1.26 15.92 -11.53
CA SER C 116 -0.14 15.45 -11.49
C SER C 116 -0.64 15.54 -10.04
N MET C 117 0.17 15.12 -9.06
CA MET C 117 -0.21 15.17 -7.63
C MET C 117 -0.36 16.65 -7.20
N ILE C 118 0.53 17.53 -7.65
CA ILE C 118 0.44 18.98 -7.33
C ILE C 118 -0.84 19.59 -7.90
N ILE C 119 -1.16 19.30 -9.15
CA ILE C 119 -2.40 19.79 -9.81
C ILE C 119 -3.60 19.26 -9.02
N ARG C 120 -3.57 18.00 -8.61
CA ARG C 120 -4.69 17.41 -7.83
C ARG C 120 -4.85 18.21 -6.50
N ARG C 121 -3.77 18.63 -5.85
CA ARG C 121 -3.85 19.24 -4.51
C ARG C 121 -3.98 20.78 -4.56
N TYR C 122 -3.57 21.47 -5.64
CA TYR C 122 -3.47 22.94 -5.59
C TYR C 122 -4.35 23.62 -6.64
N SER C 123 -4.82 22.88 -7.64
CA SER C 123 -5.57 23.41 -8.79
C SER C 123 -7.04 23.06 -8.62
N ASP C 124 -7.89 23.78 -9.35
CA ASP C 124 -9.37 23.69 -9.34
C ASP C 124 -9.82 22.59 -10.31
N GLU C 125 -11.14 22.41 -10.48
CA GLU C 125 -11.76 21.30 -11.24
C GLU C 125 -11.35 21.39 -12.72
N THR C 126 -10.97 22.57 -13.22
CA THR C 126 -10.45 22.77 -14.61
C THR C 126 -8.92 22.62 -14.67
N GLY C 127 -8.24 22.31 -13.56
CA GLY C 127 -6.78 22.12 -13.56
C GLY C 127 -6.01 23.43 -13.64
N ASN C 128 -6.66 24.51 -13.22
CA ASN C 128 -6.08 25.87 -13.17
C ASN C 128 -5.70 26.20 -11.73
N MET C 129 -4.54 26.82 -11.56
CA MET C 129 -4.00 27.24 -10.26
C MET C 129 -3.96 28.77 -10.25
N ASP C 130 -4.56 29.42 -9.24
CA ASP C 130 -4.48 30.89 -9.09
C ASP C 130 -3.19 31.26 -8.36
N PHE C 131 -2.96 32.56 -8.19
CA PHE C 131 -1.63 33.08 -7.80
C PHE C 131 -1.26 32.69 -6.36
N ASP C 132 -2.16 32.88 -5.40
CA ASP C 132 -1.90 32.52 -3.98
C ASP C 132 -1.60 31.01 -3.90
N ASN C 133 -2.33 30.17 -4.64
CA ASN C 133 -2.10 28.70 -4.60
C ASN C 133 -0.71 28.36 -5.18
N PHE C 134 -0.32 29.04 -6.26
CA PHE C 134 0.96 28.83 -6.96
C PHE C 134 2.10 29.25 -6.04
N ILE C 135 1.99 30.40 -5.39
CA ILE C 135 3.03 30.87 -4.45
C ILE C 135 3.09 29.91 -3.26
N SER C 136 1.96 29.47 -2.76
CA SER C 136 1.93 28.62 -1.54
C SER C 136 2.57 27.28 -1.86
N CYS C 137 2.26 26.74 -3.05
CA CYS C 137 2.82 25.47 -3.55
C CYS C 137 4.33 25.60 -3.66
N LEU C 138 4.82 26.68 -4.24
CA LEU C 138 6.28 26.81 -4.44
C LEU C 138 7.01 27.03 -3.10
N VAL C 139 6.45 27.81 -2.17
CA VAL C 139 7.09 28.02 -0.84
C VAL C 139 7.27 26.67 -0.16
N ARG C 140 6.26 25.83 -0.20
CA ARG C 140 6.29 24.52 0.46
C ARG C 140 7.27 23.60 -0.28
N LEU C 141 7.18 23.53 -1.61
CA LEU C 141 8.04 22.68 -2.45
C LEU C 141 9.50 23.03 -2.20
N ASP C 142 9.80 24.33 -2.23
CA ASP C 142 11.17 24.81 -1.98
C ASP C 142 11.62 24.39 -0.58
N ALA C 143 10.81 24.61 0.44
CA ALA C 143 11.14 24.22 1.82
C ALA C 143 11.32 22.71 1.92
N MET C 144 10.49 21.89 1.28
CA MET C 144 10.57 20.43 1.40
C MET C 144 11.85 19.93 0.74
N PHE C 145 12.27 20.51 -0.38
CA PHE C 145 13.58 20.17 -1.00
C PHE C 145 14.73 20.54 -0.04
N ARG C 146 14.69 21.73 0.53
CA ARG C 146 15.75 22.20 1.46
C ARG C 146 15.78 21.32 2.73
N ALA C 147 14.64 20.95 3.32
CA ALA C 147 14.58 20.08 4.52
C ALA C 147 15.19 18.71 4.17
N PHE C 148 14.87 18.16 3.00
CA PHE C 148 15.40 16.85 2.57
C PHE C 148 16.92 16.96 2.38
N ARG C 149 17.39 17.98 1.66
CA ARG C 149 18.83 18.25 1.44
C ARG C 149 19.56 18.25 2.80
N SER C 150 19.02 18.94 3.80
CA SER C 150 19.74 19.13 5.08
C SER C 150 19.80 17.82 5.84
N LEU C 151 18.83 16.92 5.66
CA LEU C 151 18.85 15.60 6.35
C LEU C 151 19.62 14.55 5.55
N ASP C 152 19.89 14.76 4.26
CA ASP C 152 20.59 13.78 3.38
C ASP C 152 22.06 14.14 3.33
N LYS C 153 22.76 13.90 4.43
CA LYS C 153 24.16 14.35 4.66
C LYS C 153 25.12 13.52 3.76
N ASN C 154 24.88 12.20 3.62
CA ASN C 154 25.75 11.33 2.78
C ASN C 154 25.30 11.44 1.31
N GLY C 155 24.30 12.27 0.99
CA GLY C 155 23.76 12.44 -0.38
C GLY C 155 23.32 11.15 -1.08
N THR C 156 22.53 10.27 -0.44
CA THR C 156 22.15 8.94 -0.96
C THR C 156 20.76 8.99 -1.58
N GLY C 157 20.05 10.08 -1.35
CA GLY C 157 18.68 10.25 -1.85
C GLY C 157 17.70 9.63 -0.89
N GLN C 158 18.08 9.38 0.35
CA GLN C 158 17.18 8.74 1.34
C GLN C 158 17.46 9.39 2.69
N ILE C 159 16.45 9.61 3.49
CA ILE C 159 16.45 10.33 4.80
C ILE C 159 15.95 9.32 5.84
N GLN C 160 16.50 9.30 7.04
CA GLN C 160 16.05 8.47 8.18
C GLN C 160 15.50 9.45 9.24
N VAL C 161 14.24 9.31 9.66
CA VAL C 161 13.61 10.19 10.70
C VAL C 161 12.84 9.36 11.70
N ASN C 162 12.89 9.77 12.95
CA ASN C 162 11.97 9.28 13.99
C ASN C 162 10.67 10.12 13.96
N ILE C 163 9.73 9.83 14.85
CA ILE C 163 8.35 10.40 14.82
C ILE C 163 8.42 11.89 15.17
N GLN C 164 9.30 12.32 16.07
CA GLN C 164 9.43 13.77 16.42
C GLN C 164 9.97 14.54 15.22
N GLU C 165 10.99 14.08 14.52
CA GLU C 165 11.52 14.78 13.33
C GLU C 165 10.42 14.78 12.26
N TRP C 166 9.73 13.66 12.10
CA TRP C 166 8.63 13.53 11.13
C TRP C 166 7.53 14.57 11.41
N LEU C 167 7.02 14.64 12.63
CA LEU C 167 5.98 15.65 13.02
C LEU C 167 6.49 17.08 12.84
N GLN C 168 7.73 17.40 13.23
CA GLN C 168 8.37 18.73 13.01
C GLN C 168 8.35 19.04 11.51
N LEU C 169 8.63 18.12 10.61
CA LEU C 169 8.78 18.48 9.16
C LEU C 169 7.43 18.45 8.44
N THR C 170 6.39 17.85 9.02
CA THR C 170 5.13 17.60 8.29
C THR C 170 3.98 18.43 8.85
N MET C 171 4.02 18.82 10.13
CA MET C 171 2.88 19.48 10.78
C MET C 171 2.87 20.99 10.42
N TYR C 172 2.42 21.28 9.17
CA TYR C 172 2.43 22.62 8.51
C TYR C 172 1.00 23.07 8.16
N SER C 173 0.79 24.39 8.30
CA SER C 173 -0.42 25.23 8.02
C SER C 173 -0.73 26.03 9.28
N GLU D 1 -31.39 1.10 10.30
CA GLU D 1 -29.95 0.87 10.57
C GLU D 1 -29.22 2.21 10.39
N GLU D 2 -28.27 2.50 11.28
CA GLU D 2 -27.63 3.84 11.45
C GLU D 2 -26.53 4.03 10.38
N VAL D 3 -25.97 2.91 9.91
CA VAL D 3 -24.96 2.88 8.81
C VAL D 3 -25.69 3.17 7.48
N ARG D 4 -26.98 2.81 7.38
CA ARG D 4 -27.77 3.03 6.14
C ARG D 4 -28.03 4.53 5.99
N GLN D 5 -28.33 5.24 7.07
CA GLN D 5 -28.65 6.70 7.01
C GLN D 5 -27.36 7.43 6.58
N PHE D 6 -26.20 6.95 7.03
CA PHE D 6 -24.90 7.58 6.77
C PHE D 6 -24.57 7.49 5.27
N ARG D 7 -24.78 6.33 4.65
CA ARG D 7 -24.60 6.10 3.19
C ARG D 7 -25.54 7.03 2.39
N LYS D 8 -26.77 7.24 2.82
CA LYS D 8 -27.73 8.19 2.20
C LYS D 8 -27.13 9.60 2.22
N LEU D 9 -26.62 10.06 3.36
CA LEU D 9 -25.97 11.39 3.49
C LEU D 9 -24.78 11.49 2.51
N PHE D 10 -23.93 10.47 2.46
CA PHE D 10 -22.77 10.42 1.55
C PHE D 10 -23.24 10.62 0.11
N VAL D 11 -24.24 9.84 -0.32
CA VAL D 11 -24.66 9.82 -1.74
C VAL D 11 -25.22 11.21 -2.08
N GLN D 12 -25.99 11.81 -1.18
CA GLN D 12 -26.55 13.18 -1.38
C GLN D 12 -25.40 14.19 -1.49
N LEU D 13 -24.42 14.10 -0.61
CA LEU D 13 -23.31 15.08 -0.55
C LEU D 13 -22.43 14.95 -1.80
N ALA D 14 -22.18 13.72 -2.26
CA ALA D 14 -21.24 13.40 -3.36
C ALA D 14 -21.81 13.82 -4.73
N GLY D 15 -23.14 13.83 -4.90
CA GLY D 15 -23.84 14.19 -6.16
C GLY D 15 -23.43 13.33 -7.36
N ASP D 16 -23.34 13.96 -8.54
CA ASP D 16 -23.25 13.29 -9.87
C ASP D 16 -22.02 12.38 -9.94
N ASP D 17 -20.82 12.87 -9.60
CA ASP D 17 -19.64 11.98 -9.48
C ASP D 17 -19.81 11.24 -8.14
N MET D 18 -19.40 10.00 -7.97
CA MET D 18 -19.86 9.33 -6.71
C MET D 18 -18.87 9.68 -5.59
N GLU D 19 -18.29 10.90 -5.61
CA GLU D 19 -17.17 11.24 -4.69
C GLU D 19 -17.40 12.63 -4.10
N VAL D 20 -16.86 12.86 -2.90
CA VAL D 20 -16.97 14.15 -2.18
C VAL D 20 -15.72 14.98 -2.47
N SER D 21 -15.87 16.09 -3.20
CA SER D 21 -14.79 17.06 -3.50
C SER D 21 -14.50 17.92 -2.27
N ALA D 22 -13.50 18.77 -2.38
CA ALA D 22 -13.08 19.74 -1.37
C ALA D 22 -14.20 20.74 -1.15
N THR D 23 -14.87 21.16 -2.21
CA THR D 23 -15.92 22.22 -2.09
C THR D 23 -17.14 21.56 -1.44
N GLU D 24 -17.48 20.30 -1.77
CA GLU D 24 -18.65 19.63 -1.16
C GLU D 24 -18.34 19.42 0.33
N LEU D 25 -17.09 19.10 0.68
CA LEU D 25 -16.71 18.92 2.09
C LEU D 25 -16.83 20.25 2.85
N MET D 26 -16.30 21.32 2.28
CA MET D 26 -16.32 22.71 2.84
C MET D 26 -17.78 23.08 3.12
N ASN D 27 -18.66 22.88 2.16
CA ASN D 27 -20.08 23.31 2.27
C ASN D 27 -20.74 22.50 3.38
N ILE D 28 -20.54 21.19 3.46
CA ILE D 28 -21.24 20.38 4.51
C ILE D 28 -20.64 20.70 5.90
N LEU D 29 -19.32 20.88 6.02
CA LEU D 29 -18.69 21.21 7.31
C LEU D 29 -19.16 22.60 7.77
N ASN D 30 -19.25 23.60 6.88
CA ASN D 30 -19.69 24.97 7.31
C ASN D 30 -21.15 24.91 7.75
N LYS D 31 -21.98 24.03 7.16
CA LYS D 31 -23.41 23.85 7.51
C LYS D 31 -23.51 23.24 8.91
N VAL D 32 -22.81 22.14 9.14
CA VAL D 32 -22.82 21.40 10.43
C VAL D 32 -22.34 22.35 11.55
N VAL D 33 -21.26 23.09 11.31
CA VAL D 33 -20.64 23.94 12.39
C VAL D 33 -21.62 25.05 12.82
N THR D 34 -22.45 25.60 11.91
CA THR D 34 -23.39 26.69 12.27
C THR D 34 -24.51 26.14 13.18
N ARG D 35 -24.82 24.83 13.14
CA ARG D 35 -25.86 24.28 14.06
C ARG D 35 -25.24 24.00 15.44
N HIS D 36 -23.95 24.30 15.67
CA HIS D 36 -23.24 24.14 16.98
C HIS D 36 -22.57 25.47 17.36
N PRO D 37 -23.34 26.45 17.86
CA PRO D 37 -22.80 27.77 18.18
C PRO D 37 -21.77 27.74 19.32
N ASP D 38 -21.61 26.60 20.00
CA ASP D 38 -20.49 26.37 20.95
C ASP D 38 -19.15 26.17 20.23
N LEU D 39 -19.11 26.01 18.90
CA LEU D 39 -17.83 25.84 18.15
C LEU D 39 -17.42 27.15 17.45
N LYS D 40 -16.49 27.91 18.04
CA LYS D 40 -15.98 29.19 17.44
C LYS D 40 -15.15 28.83 16.22
N THR D 41 -15.37 29.52 15.11
CA THR D 41 -14.66 29.25 13.84
C THR D 41 -14.84 30.43 12.89
N ASP D 42 -13.80 30.79 12.17
CA ASP D 42 -13.84 31.73 11.02
C ASP D 42 -14.25 30.93 9.76
N GLY D 43 -14.74 29.70 9.87
CA GLY D 43 -15.16 28.88 8.71
C GLY D 43 -14.09 27.91 8.25
N PHE D 44 -14.49 26.77 7.69
CA PHE D 44 -13.59 25.92 6.88
C PHE D 44 -13.43 26.59 5.52
N GLY D 45 -12.20 26.91 5.14
CA GLY D 45 -11.83 27.52 3.85
C GLY D 45 -11.44 26.41 2.86
N ILE D 46 -11.44 26.73 1.57
CA ILE D 46 -11.22 25.74 0.48
C ILE D 46 -9.82 25.09 0.66
N ASP D 47 -8.79 25.84 1.01
CA ASP D 47 -7.43 25.27 1.08
C ASP D 47 -7.32 24.25 2.21
N THR D 48 -7.91 24.51 3.37
CA THR D 48 -7.99 23.52 4.49
C THR D 48 -8.72 22.25 4.03
N CYS D 49 -9.84 22.42 3.33
CA CYS D 49 -10.63 21.30 2.78
C CYS D 49 -9.87 20.54 1.69
N ARG D 50 -9.16 21.20 0.75
CA ARG D 50 -8.31 20.48 -0.24
C ARG D 50 -7.29 19.61 0.48
N SER D 51 -6.69 20.15 1.54
CA SER D 51 -5.70 19.43 2.37
C SER D 51 -6.35 18.22 3.02
N MET D 52 -7.53 18.36 3.58
CA MET D 52 -8.21 17.24 4.27
C MET D 52 -8.54 16.15 3.23
N VAL D 53 -9.02 16.55 2.05
CA VAL D 53 -9.27 15.57 0.97
C VAL D 53 -7.95 14.87 0.60
N ALA D 54 -6.91 15.66 0.36
CA ALA D 54 -5.59 15.14 -0.07
C ALA D 54 -5.06 14.08 0.91
N VAL D 55 -5.02 14.31 2.22
CA VAL D 55 -4.43 13.30 3.16
C VAL D 55 -5.35 12.08 3.30
N MET D 56 -6.63 12.20 2.99
CA MET D 56 -7.61 11.09 3.11
C MET D 56 -7.74 10.35 1.78
N ASP D 57 -7.13 10.86 0.71
CA ASP D 57 -7.35 10.34 -0.66
C ASP D 57 -6.35 9.19 -0.96
N SER D 58 -6.49 8.05 -0.28
CA SER D 58 -5.50 6.95 -0.30
C SER D 58 -5.45 6.26 -1.68
N ASP D 59 -6.51 6.36 -2.52
CA ASP D 59 -6.55 5.79 -3.90
C ASP D 59 -6.27 6.85 -4.98
N THR D 60 -5.90 8.07 -4.61
CA THR D 60 -5.47 9.20 -5.50
C THR D 60 -6.49 9.51 -6.61
N THR D 61 -7.80 9.45 -6.33
CA THR D 61 -8.87 9.89 -7.26
C THR D 61 -9.08 11.40 -7.18
N GLY D 62 -8.47 12.07 -6.18
CA GLY D 62 -8.59 13.51 -5.93
C GLY D 62 -9.82 13.85 -5.09
N LYS D 63 -10.65 12.86 -4.76
CA LYS D 63 -11.89 13.07 -3.98
C LYS D 63 -12.12 11.90 -3.03
N LEU D 64 -13.06 12.09 -2.09
CA LEU D 64 -13.37 11.08 -1.05
C LEU D 64 -14.46 10.15 -1.57
N GLY D 65 -14.16 8.88 -1.73
CA GLY D 65 -15.21 7.84 -1.89
C GLY D 65 -15.84 7.52 -0.54
N PHE D 66 -16.79 6.59 -0.51
CA PHE D 66 -17.56 6.27 0.72
C PHE D 66 -16.64 5.95 1.90
N GLU D 67 -15.70 5.02 1.75
CA GLU D 67 -14.85 4.55 2.85
C GLU D 67 -13.90 5.68 3.34
N GLU D 68 -13.33 6.47 2.44
CA GLU D 68 -12.48 7.61 2.84
C GLU D 68 -13.34 8.62 3.62
N PHE D 69 -14.54 8.88 3.16
CA PHE D 69 -15.44 9.88 3.80
C PHE D 69 -15.93 9.42 5.19
N LYS D 70 -16.31 8.15 5.31
CA LYS D 70 -16.71 7.50 6.57
C LYS D 70 -15.61 7.65 7.62
N TYR D 71 -14.38 7.35 7.25
CA TYR D 71 -13.21 7.41 8.17
C TYR D 71 -13.07 8.86 8.62
N LEU D 72 -13.14 9.80 7.68
CA LEU D 72 -12.95 11.24 7.99
C LEU D 72 -14.12 11.71 8.86
N TRP D 73 -15.34 11.38 8.45
CA TRP D 73 -16.57 11.87 9.11
C TRP D 73 -16.63 11.36 10.54
N ASN D 74 -16.37 10.07 10.75
CA ASN D 74 -16.36 9.47 12.11
C ASN D 74 -15.25 10.09 12.94
N ASN D 75 -14.09 10.37 12.37
CA ASN D 75 -13.04 11.13 13.10
C ASN D 75 -13.54 12.52 13.49
N ILE D 76 -14.21 13.23 12.60
CA ILE D 76 -14.67 14.62 12.85
C ILE D 76 -15.71 14.59 13.97
N LYS D 77 -16.65 13.63 13.98
CA LYS D 77 -17.68 13.53 15.04
C LYS D 77 -17.00 13.27 16.39
N LYS D 78 -16.02 12.35 16.43
CA LYS D 78 -15.32 11.99 17.68
C LYS D 78 -14.58 13.22 18.17
N TRP D 79 -13.87 13.93 17.29
CA TRP D 79 -13.02 15.08 17.67
C TRP D 79 -13.87 16.29 18.05
N GLN D 80 -15.04 16.48 17.43
CA GLN D 80 -16.04 17.48 17.87
C GLN D 80 -16.40 17.21 19.34
N GLY D 81 -16.70 15.97 19.70
CA GLY D 81 -17.07 15.61 21.10
C GLY D 81 -15.92 15.95 22.03
N ILE D 82 -14.68 15.70 21.62
CA ILE D 82 -13.48 15.96 22.45
C ILE D 82 -13.29 17.47 22.63
N TYR D 83 -13.45 18.23 21.55
CA TYR D 83 -13.29 19.71 21.54
C TYR D 83 -14.17 20.29 22.64
N LYS D 84 -15.46 19.94 22.67
CA LYS D 84 -16.42 20.47 23.66
C LYS D 84 -15.99 20.07 25.08
N ARG D 85 -15.65 18.81 25.29
CA ARG D 85 -15.32 18.26 26.63
C ARG D 85 -14.03 18.91 27.15
N PHE D 86 -13.05 19.20 26.31
CA PHE D 86 -11.74 19.69 26.82
C PHE D 86 -11.70 21.22 26.76
N ASP D 87 -12.79 21.87 26.32
CA ASP D 87 -12.95 23.35 26.32
C ASP D 87 -13.48 23.73 27.70
N THR D 88 -12.63 23.58 28.72
CA THR D 88 -13.03 23.63 30.14
C THR D 88 -13.49 25.04 30.51
N ASP D 89 -12.93 26.12 29.91
CA ASP D 89 -13.33 27.52 30.21
C ASP D 89 -14.50 27.98 29.30
N ARG D 90 -15.01 27.10 28.44
CA ARG D 90 -16.15 27.38 27.53
C ARG D 90 -15.89 28.64 26.70
N SER D 91 -14.67 28.77 26.18
CA SER D 91 -14.24 29.84 25.25
C SER D 91 -14.74 29.54 23.83
N GLY D 92 -15.18 28.33 23.54
CA GLY D 92 -15.49 27.89 22.15
C GLY D 92 -14.20 27.62 21.36
N THR D 93 -13.04 27.68 22.04
CA THR D 93 -11.68 27.51 21.48
C THR D 93 -10.91 26.57 22.41
N ILE D 94 -9.88 25.90 21.88
CA ILE D 94 -8.92 25.06 22.66
C ILE D 94 -7.62 25.87 22.91
N GLY D 95 -7.39 26.20 24.18
CA GLY D 95 -6.21 26.96 24.67
C GLY D 95 -5.00 26.06 24.77
N SER D 96 -3.83 26.67 24.86
CA SER D 96 -2.57 25.92 25.04
C SER D 96 -2.64 24.98 26.25
N ASN D 97 -3.33 25.36 27.32
CA ASN D 97 -3.43 24.54 28.57
C ASN D 97 -4.38 23.36 28.34
N GLU D 98 -5.28 23.45 27.36
CA GLU D 98 -6.37 22.46 27.11
C GLU D 98 -5.95 21.46 26.03
N LEU D 99 -5.02 21.83 25.17
CA LEU D 99 -4.70 21.07 23.95
C LEU D 99 -4.10 19.71 24.32
N PRO D 100 -3.14 19.60 25.28
CA PRO D 100 -2.59 18.30 25.65
C PRO D 100 -3.68 17.28 26.03
N GLY D 101 -4.64 17.67 26.87
CA GLY D 101 -5.71 16.75 27.30
C GLY D 101 -6.56 16.32 26.11
N ALA D 102 -6.93 17.24 25.25
CA ALA D 102 -7.76 16.96 24.04
C ALA D 102 -7.03 15.97 23.12
N PHE D 103 -5.76 16.21 22.81
CA PHE D 103 -4.96 15.34 21.91
C PHE D 103 -4.76 13.97 22.57
N GLU D 104 -4.59 13.92 23.89
CA GLU D 104 -4.44 12.64 24.63
C GLU D 104 -5.73 11.84 24.49
N ALA D 105 -6.87 12.47 24.62
CA ALA D 105 -8.21 11.83 24.48
C ALA D 105 -8.39 11.33 23.05
N ALA D 106 -7.79 12.00 22.06
CA ALA D 106 -7.81 11.59 20.64
C ALA D 106 -6.81 10.45 20.42
N GLY D 107 -5.95 10.18 21.38
CA GLY D 107 -5.04 9.02 21.31
C GLY D 107 -3.63 9.39 20.90
N PHE D 108 -3.25 10.67 20.96
CA PHE D 108 -1.90 11.17 20.62
C PHE D 108 -1.22 11.64 21.91
N HIS D 109 -0.29 10.81 22.35
CA HIS D 109 0.63 10.98 23.48
C HIS D 109 1.91 11.66 22.94
N LEU D 110 1.90 13.00 22.90
CA LEU D 110 3.01 13.83 22.37
C LEU D 110 3.72 14.52 23.52
N ASN D 111 4.96 14.91 23.33
CA ASN D 111 5.78 15.62 24.33
C ASN D 111 5.55 17.13 24.17
N GLN D 112 5.89 17.93 25.18
CA GLN D 112 5.60 19.39 25.22
C GLN D 112 6.26 20.06 24.01
N HIS D 113 7.46 19.67 23.59
CA HIS D 113 8.14 20.33 22.44
C HIS D 113 7.24 20.25 21.19
N ILE D 114 6.57 19.12 20.94
CA ILE D 114 5.63 18.95 19.79
C ILE D 114 4.35 19.75 20.05
N TYR D 115 3.81 19.79 21.26
CA TYR D 115 2.59 20.61 21.56
C TYR D 115 2.90 22.08 21.28
N SER D 116 4.07 22.57 21.66
CA SER D 116 4.52 23.96 21.42
C SER D 116 4.56 24.24 19.93
N MET D 117 5.07 23.31 19.13
CA MET D 117 5.20 23.46 17.66
C MET D 117 3.79 23.54 17.06
N ILE D 118 2.87 22.70 17.53
CA ILE D 118 1.47 22.71 17.05
C ILE D 118 0.81 24.05 17.36
N ILE D 119 0.93 24.53 18.61
CA ILE D 119 0.32 25.81 19.04
C ILE D 119 0.92 26.93 18.19
N ARG D 120 2.21 26.91 17.93
CA ARG D 120 2.88 27.95 17.13
C ARG D 120 2.21 28.01 15.75
N ARG D 121 1.94 26.85 15.13
CA ARG D 121 1.57 26.77 13.70
C ARG D 121 0.06 26.72 13.52
N TYR D 122 -0.76 26.43 14.54
CA TYR D 122 -2.23 26.29 14.33
C TYR D 122 -3.05 27.26 15.18
N SER D 123 -2.47 27.86 16.20
CA SER D 123 -3.19 28.70 17.19
C SER D 123 -2.83 30.16 16.90
N ASP D 124 -3.58 31.06 17.52
CA ASP D 124 -3.48 32.54 17.36
C ASP D 124 -2.50 33.10 18.41
N GLU D 125 -2.34 34.43 18.49
CA GLU D 125 -1.30 35.09 19.34
C GLU D 125 -1.63 34.82 20.82
N THR D 126 -2.88 34.50 21.17
CA THR D 126 -3.31 34.15 22.54
C THR D 126 -3.17 32.64 22.79
N GLY D 127 -2.69 31.86 21.82
CA GLY D 127 -2.47 30.40 21.97
C GLY D 127 -3.78 29.64 21.96
N ASN D 128 -4.83 30.23 21.36
CA ASN D 128 -6.17 29.60 21.23
C ASN D 128 -6.32 29.08 19.78
N MET D 129 -6.92 27.90 19.68
CA MET D 129 -7.17 27.20 18.43
C MET D 129 -8.69 27.11 18.23
N ASP D 130 -9.19 27.56 17.09
CA ASP D 130 -10.65 27.47 16.80
C ASP D 130 -10.93 26.11 16.16
N PHE D 131 -12.19 25.84 15.84
CA PHE D 131 -12.66 24.48 15.56
C PHE D 131 -12.11 23.97 14.21
N ASP D 132 -12.17 24.77 13.16
CA ASP D 132 -11.62 24.38 11.84
C ASP D 132 -10.13 24.09 11.98
N ASN D 133 -9.39 24.90 12.75
CA ASN D 133 -7.91 24.71 12.89
C ASN D 133 -7.66 23.40 13.64
N PHE D 134 -8.47 23.10 14.66
CA PHE D 134 -8.34 21.91 15.52
C PHE D 134 -8.63 20.67 14.68
N ILE D 135 -9.71 20.70 13.87
CA ILE D 135 -10.06 19.54 13.02
C ILE D 135 -8.95 19.37 11.98
N SER D 136 -8.48 20.45 11.42
CA SER D 136 -7.49 20.37 10.31
C SER D 136 -6.17 19.79 10.88
N CYS D 137 -5.80 20.23 12.06
CA CYS D 137 -4.59 19.77 12.78
C CYS D 137 -4.70 18.26 13.04
N LEU D 138 -5.84 17.82 13.56
CA LEU D 138 -6.00 16.38 13.89
C LEU D 138 -6.05 15.51 12.63
N VAL D 139 -6.71 15.95 11.55
CA VAL D 139 -6.76 15.17 10.28
C VAL D 139 -5.34 14.93 9.78
N ARG D 140 -4.50 15.96 9.83
CA ARG D 140 -3.12 15.87 9.36
C ARG D 140 -2.29 15.00 10.31
N LEU D 141 -2.41 15.24 11.61
CA LEU D 141 -1.66 14.49 12.65
C LEU D 141 -1.98 13.00 12.52
N ASP D 142 -3.26 12.68 12.40
CA ASP D 142 -3.71 11.29 12.23
C ASP D 142 -3.13 10.70 10.95
N ALA D 143 -3.20 11.42 9.83
CA ALA D 143 -2.62 10.93 8.56
C ALA D 143 -1.09 10.75 8.68
N MET D 144 -0.39 11.67 9.35
CA MET D 144 1.09 11.59 9.45
C MET D 144 1.50 10.42 10.34
N PHE D 145 0.76 10.10 11.38
CA PHE D 145 1.00 8.90 12.21
C PHE D 145 0.75 7.66 11.38
N ARG D 146 -0.34 7.61 10.61
CA ARG D 146 -0.66 6.43 9.76
C ARG D 146 0.42 6.24 8.68
N ALA D 147 0.89 7.31 8.04
CA ALA D 147 1.94 7.27 7.01
C ALA D 147 3.24 6.72 7.66
N PHE D 148 3.58 7.18 8.86
CA PHE D 148 4.79 6.73 9.56
C PHE D 148 4.65 5.25 9.90
N ARG D 149 3.54 4.83 10.49
CA ARG D 149 3.27 3.42 10.84
C ARG D 149 3.48 2.54 9.62
N SER D 150 2.94 2.92 8.46
CA SER D 150 2.96 2.05 7.27
C SER D 150 4.40 1.93 6.74
N LEU D 151 5.24 2.95 6.92
CA LEU D 151 6.67 2.89 6.49
C LEU D 151 7.58 2.27 7.58
N ASP D 152 7.14 2.16 8.84
CA ASP D 152 7.91 1.57 9.98
C ASP D 152 7.51 0.12 10.13
N LYS D 153 7.87 -0.71 9.17
CA LYS D 153 7.52 -2.13 9.02
C LYS D 153 8.14 -2.97 10.16
N ASN D 154 9.43 -2.75 10.47
CA ASN D 154 10.17 -3.50 11.52
C ASN D 154 9.85 -2.87 12.90
N GLY D 155 9.01 -1.82 12.97
CA GLY D 155 8.60 -1.18 14.25
C GLY D 155 9.77 -0.64 15.10
N THR D 156 10.70 0.12 14.51
CA THR D 156 11.95 0.57 15.16
C THR D 156 11.80 2.02 15.62
N GLY D 157 10.75 2.67 15.16
CA GLY D 157 10.49 4.07 15.47
C GLY D 157 11.27 4.97 14.55
N GLN D 158 11.74 4.48 13.41
CA GLN D 158 12.43 5.34 12.43
C GLN D 158 12.07 4.83 11.03
N ILE D 159 11.99 5.68 10.04
CA ILE D 159 11.58 5.31 8.67
C ILE D 159 12.61 5.94 7.74
N GLN D 160 12.66 5.43 6.52
CA GLN D 160 13.58 5.82 5.44
C GLN D 160 12.68 6.27 4.29
N VAL D 161 12.89 7.48 3.74
CA VAL D 161 12.15 7.93 2.51
C VAL D 161 13.09 8.50 1.47
N ASN D 162 12.83 8.21 0.21
CA ASN D 162 13.43 8.97 -0.92
C ASN D 162 12.62 10.25 -1.18
N ILE D 163 13.09 11.06 -2.13
CA ILE D 163 12.52 12.42 -2.39
C ILE D 163 11.08 12.26 -2.95
N GLN D 164 10.78 11.25 -3.76
CA GLN D 164 9.40 11.08 -4.33
C GLN D 164 8.45 10.72 -3.20
N GLU D 165 8.79 9.82 -2.27
CA GLU D 165 7.88 9.49 -1.15
C GLU D 165 7.72 10.74 -0.27
N TRP D 166 8.80 11.46 -0.06
CA TRP D 166 8.83 12.70 0.75
C TRP D 166 7.86 13.72 0.13
N LEU D 167 7.97 14.04 -1.17
CA LEU D 167 7.08 14.98 -1.87
C LEU D 167 5.63 14.50 -1.81
N GLN D 168 5.34 13.23 -2.07
CA GLN D 168 3.95 12.67 -1.93
C GLN D 168 3.42 12.92 -0.51
N LEU D 169 4.21 12.75 0.54
CA LEU D 169 3.68 12.79 1.94
C LEU D 169 3.64 14.21 2.49
N THR D 170 4.27 15.16 1.84
CA THR D 170 4.53 16.52 2.38
C THR D 170 3.74 17.57 1.56
N MET D 171 3.56 17.34 0.26
CA MET D 171 2.87 18.27 -0.66
C MET D 171 1.41 17.77 -0.76
N TYR D 172 1.15 16.46 -1.03
CA TYR D 172 -0.18 15.79 -0.97
C TYR D 172 -0.71 15.64 0.52
N SER D 173 -1.23 16.81 0.93
CA SER D 173 -1.34 17.37 2.31
C SER D 173 -0.97 18.86 2.16
N GLY E 1 36.69 -14.53 -27.80
CA GLY E 1 36.28 -13.31 -27.04
C GLY E 1 34.84 -12.90 -27.30
N GLN E 2 33.93 -13.27 -26.37
CA GLN E 2 32.44 -13.08 -26.43
C GLN E 2 31.82 -14.01 -27.50
N SER E 3 32.62 -14.92 -28.07
CA SER E 3 32.16 -15.99 -28.99
C SER E 3 31.42 -17.12 -28.26
N LEU E 4 31.40 -17.13 -26.93
CA LEU E 4 30.65 -18.12 -26.11
C LEU E 4 29.57 -17.41 -25.28
N GLN E 5 29.75 -16.13 -24.95
CA GLN E 5 28.77 -15.47 -24.06
C GLN E 5 27.56 -15.04 -24.88
N ASP E 6 27.70 -14.53 -26.09
CA ASP E 6 26.54 -14.12 -26.92
C ASP E 6 25.62 -15.32 -27.17
N PRO E 7 26.08 -16.47 -27.72
CA PRO E 7 25.18 -17.60 -27.95
C PRO E 7 24.48 -18.02 -26.65
N PHE E 8 25.20 -17.98 -25.53
CA PHE E 8 24.68 -18.44 -24.21
C PHE E 8 23.53 -17.53 -23.78
N LEU E 9 23.73 -16.22 -23.84
CA LEU E 9 22.72 -15.22 -23.44
C LEU E 9 21.53 -15.21 -24.42
N ASN E 10 21.81 -15.36 -25.71
CA ASN E 10 20.77 -15.32 -26.78
C ASN E 10 19.83 -16.51 -26.60
N ALA E 11 20.33 -17.67 -26.15
CA ALA E 11 19.50 -18.88 -26.00
C ALA E 11 18.60 -18.68 -24.78
N LEU E 12 19.12 -18.14 -23.71
CA LEU E 12 18.32 -17.73 -22.52
C LEU E 12 17.23 -16.75 -22.98
N ARG E 13 17.61 -15.70 -23.70
CA ARG E 13 16.67 -14.65 -24.15
C ARG E 13 15.56 -15.25 -24.99
N ARG E 14 15.89 -15.96 -26.06
CA ARG E 14 14.88 -16.52 -27.01
C ARG E 14 13.90 -17.45 -26.30
N GLU E 15 14.35 -18.36 -25.44
CA GLU E 15 13.46 -19.37 -24.82
C GLU E 15 12.80 -18.81 -23.54
N ARG E 16 13.11 -17.54 -23.16
CA ARG E 16 12.58 -16.82 -21.97
C ARG E 16 12.85 -17.62 -20.71
N VAL E 17 14.04 -18.17 -20.59
CA VAL E 17 14.45 -18.96 -19.41
C VAL E 17 14.73 -18.00 -18.27
N PRO E 18 14.07 -18.24 -17.11
CA PRO E 18 14.44 -17.58 -15.87
C PRO E 18 15.92 -17.86 -15.57
N VAL E 19 16.65 -16.82 -15.22
CA VAL E 19 18.05 -16.90 -14.76
C VAL E 19 18.12 -16.28 -13.37
N SER E 20 19.02 -16.81 -12.56
CA SER E 20 19.64 -16.11 -11.43
C SER E 20 20.95 -15.45 -11.90
N ILE E 21 21.10 -14.15 -11.67
CA ILE E 21 22.38 -13.42 -11.89
C ILE E 21 22.95 -13.09 -10.51
N TYR E 22 24.09 -13.72 -10.15
CA TYR E 22 24.79 -13.35 -8.89
C TYR E 22 25.77 -12.22 -9.19
N LEU E 23 25.70 -11.13 -8.41
CA LEU E 23 26.66 -9.99 -8.51
C LEU E 23 27.96 -10.31 -7.75
N VAL E 24 29.03 -9.52 -7.95
CA VAL E 24 30.34 -9.77 -7.28
C VAL E 24 30.20 -9.62 -5.76
N ASN E 25 29.20 -8.95 -5.26
CA ASN E 25 28.99 -8.89 -3.77
C ASN E 25 28.09 -10.05 -3.30
N GLY E 26 27.73 -10.99 -4.17
CA GLY E 26 26.98 -12.20 -3.73
C GLY E 26 25.48 -12.07 -3.81
N ILE E 27 24.94 -10.87 -4.02
CA ILE E 27 23.48 -10.65 -4.18
C ILE E 27 22.98 -11.34 -5.44
N LYS E 28 21.80 -11.93 -5.34
CA LYS E 28 21.13 -12.72 -6.39
C LYS E 28 19.96 -11.94 -6.99
N LEU E 29 20.00 -11.70 -8.29
CA LEU E 29 18.87 -11.15 -9.08
C LEU E 29 18.27 -12.29 -9.92
N GLN E 30 16.94 -12.33 -10.04
CA GLN E 30 16.21 -13.33 -10.84
C GLN E 30 15.30 -12.57 -11.79
N GLY E 31 15.30 -13.02 -13.04
CA GLY E 31 14.34 -12.58 -14.05
C GLY E 31 14.64 -13.21 -15.37
N GLN E 32 14.24 -12.53 -16.43
CA GLN E 32 14.45 -12.96 -17.84
C GLN E 32 15.46 -12.01 -18.45
N ILE E 33 16.37 -12.51 -19.27
CA ILE E 33 17.23 -11.66 -20.14
C ILE E 33 16.32 -11.03 -21.19
N GLU E 34 16.04 -9.74 -21.08
CA GLU E 34 15.32 -8.97 -22.12
C GLU E 34 16.30 -8.71 -23.26
N SER E 35 17.55 -8.37 -22.96
CA SER E 35 18.49 -7.80 -23.93
C SER E 35 19.90 -7.78 -23.34
N PHE E 36 20.92 -7.51 -24.15
CA PHE E 36 22.31 -7.38 -23.66
C PHE E 36 23.16 -6.78 -24.78
N ASP E 37 24.27 -6.15 -24.43
CA ASP E 37 25.27 -5.61 -25.39
C ASP E 37 26.63 -6.01 -24.84
N GLN E 38 27.71 -5.42 -25.33
CA GLN E 38 29.10 -5.65 -24.89
C GLN E 38 29.24 -5.49 -23.37
N PHE E 39 28.53 -4.54 -22.72
CA PHE E 39 28.83 -4.07 -21.35
C PHE E 39 27.67 -4.34 -20.37
N VAL E 40 26.40 -4.48 -20.80
CA VAL E 40 25.25 -4.61 -19.84
C VAL E 40 24.30 -5.73 -20.25
N ILE E 41 23.49 -6.17 -19.30
CA ILE E 41 22.34 -7.10 -19.48
C ILE E 41 21.09 -6.38 -18.97
N LEU E 42 20.06 -6.28 -19.82
CA LEU E 42 18.74 -5.80 -19.40
C LEU E 42 18.00 -7.00 -18.83
N LEU E 43 17.74 -6.97 -17.53
CA LEU E 43 17.05 -8.04 -16.80
C LEU E 43 15.63 -7.54 -16.47
N LYS E 44 14.61 -8.34 -16.79
CA LYS E 44 13.17 -8.02 -16.66
C LYS E 44 12.56 -8.97 -15.64
N ASN E 45 11.90 -8.45 -14.61
CA ASN E 45 11.19 -9.29 -13.61
C ASN E 45 9.78 -8.71 -13.42
N THR E 46 9.72 -7.47 -12.95
CA THR E 46 8.48 -6.67 -12.81
C THR E 46 8.84 -5.25 -13.25
N VAL E 47 10.09 -4.87 -13.01
CA VAL E 47 10.78 -3.70 -13.62
C VAL E 47 11.76 -4.21 -14.68
N SER E 48 12.24 -3.32 -15.54
CA SER E 48 13.35 -3.62 -16.48
C SER E 48 14.63 -2.94 -15.96
N GLN E 49 15.63 -3.67 -15.49
CA GLN E 49 16.83 -3.03 -14.87
C GLN E 49 18.09 -3.33 -15.69
N MET E 50 19.03 -2.39 -15.67
CA MET E 50 20.35 -2.52 -16.33
C MET E 50 21.41 -3.02 -15.34
N VAL E 51 22.03 -4.14 -15.66
CA VAL E 51 23.05 -4.83 -14.83
C VAL E 51 24.36 -4.74 -15.59
N TYR E 52 25.40 -4.16 -14.99
CA TYR E 52 26.72 -4.07 -15.65
C TYR E 52 27.39 -5.43 -15.58
N LYS E 53 27.90 -5.93 -16.71
CA LYS E 53 28.58 -7.26 -16.73
C LYS E 53 29.76 -7.26 -15.76
N HIS E 54 30.48 -6.13 -15.60
CA HIS E 54 31.66 -6.02 -14.70
C HIS E 54 31.25 -6.32 -13.26
N ALA E 55 29.96 -6.24 -12.92
CA ALA E 55 29.47 -6.49 -11.53
C ALA E 55 28.85 -7.89 -11.41
N ILE E 56 28.92 -8.68 -12.48
CA ILE E 56 28.35 -10.06 -12.46
C ILE E 56 29.44 -11.08 -12.12
N SER E 57 29.12 -12.06 -11.27
CA SER E 57 29.97 -13.25 -11.10
C SER E 57 29.47 -14.37 -12.01
N THR E 58 28.19 -14.74 -11.90
CA THR E 58 27.65 -15.86 -12.70
C THR E 58 26.20 -15.65 -13.16
N VAL E 59 25.89 -16.25 -14.30
CA VAL E 59 24.52 -16.33 -14.84
C VAL E 59 24.12 -17.79 -14.75
N VAL E 60 23.18 -18.11 -13.86
CA VAL E 60 22.72 -19.50 -13.59
C VAL E 60 21.29 -19.67 -14.09
N PRO E 61 21.08 -20.44 -15.17
CA PRO E 61 19.76 -20.65 -15.73
C PRO E 61 18.97 -21.76 -15.03
N SER E 62 17.73 -21.95 -15.46
CA SER E 62 16.91 -23.10 -15.03
C SER E 62 16.70 -24.00 -16.26
N ALA E 63 17.55 -23.84 -17.28
CA ALA E 63 17.52 -24.61 -18.55
C ALA E 63 17.71 -26.11 -18.27
N GLY F 1 26.89 -0.05 -23.93
CA GLY F 1 27.09 1.24 -24.66
C GLY F 1 26.35 1.27 -26.00
N GLN F 2 27.00 0.82 -27.09
CA GLN F 2 26.67 1.16 -28.50
C GLN F 2 25.33 0.55 -28.91
N SER F 3 24.77 -0.36 -28.08
CA SER F 3 23.45 -0.98 -28.32
C SER F 3 22.48 -0.41 -27.28
N LEU F 4 22.71 -0.62 -25.98
CA LEU F 4 21.58 -0.66 -25.00
C LEU F 4 21.72 0.33 -23.88
N GLN F 5 22.92 0.73 -23.53
CA GLN F 5 23.17 1.55 -22.31
C GLN F 5 22.69 2.99 -22.56
N ASP F 6 23.08 3.59 -23.68
CA ASP F 6 22.75 5.02 -23.95
C ASP F 6 21.25 5.18 -24.05
N PRO F 7 20.52 4.41 -24.89
CA PRO F 7 19.06 4.57 -24.96
C PRO F 7 18.42 4.43 -23.57
N PHE F 8 18.91 3.49 -22.77
CA PHE F 8 18.31 3.15 -21.45
C PHE F 8 18.47 4.36 -20.51
N LEU F 9 19.68 4.90 -20.42
CA LEU F 9 19.99 6.04 -19.53
C LEU F 9 19.30 7.33 -20.04
N ASN F 10 19.25 7.53 -21.36
CA ASN F 10 18.61 8.72 -21.99
C ASN F 10 17.11 8.72 -21.68
N ALA F 11 16.47 7.56 -21.62
CA ALA F 11 15.02 7.46 -21.37
C ALA F 11 14.74 7.82 -19.92
N LEU F 12 15.58 7.33 -19.00
CA LEU F 12 15.53 7.74 -17.58
C LEU F 12 15.68 9.25 -17.50
N ARG F 13 16.73 9.80 -18.12
CA ARG F 13 17.05 11.25 -18.05
C ARG F 13 15.86 12.05 -18.57
N ARG F 14 15.39 11.81 -19.81
CA ARG F 14 14.36 12.62 -20.47
C ARG F 14 13.09 12.62 -19.62
N GLU F 15 12.60 11.49 -19.12
CA GLU F 15 11.27 11.43 -18.45
C GLU F 15 11.40 11.75 -16.95
N ARG F 16 12.63 12.05 -16.47
CA ARG F 16 13.01 12.40 -15.07
C ARG F 16 12.52 11.30 -14.13
N VAL F 17 12.71 10.05 -14.51
CA VAL F 17 12.26 8.92 -13.65
C VAL F 17 13.32 8.73 -12.57
N PRO F 18 12.86 8.71 -11.31
CA PRO F 18 13.68 8.28 -10.17
C PRO F 18 14.27 6.90 -10.45
N VAL F 19 15.55 6.76 -10.16
CA VAL F 19 16.31 5.49 -10.25
C VAL F 19 16.93 5.23 -8.88
N SER F 20 17.05 3.95 -8.55
CA SER F 20 18.01 3.41 -7.59
C SER F 20 19.28 3.00 -8.37
N ILE F 21 20.44 3.47 -7.93
CA ILE F 21 21.75 2.97 -8.40
C ILE F 21 22.37 2.17 -7.27
N TYR F 22 22.50 0.85 -7.42
CA TYR F 22 23.20 -0.01 -6.45
C TYR F 22 24.68 -0.06 -6.82
N LEU F 23 25.56 0.25 -5.87
CA LEU F 23 27.03 0.15 -6.03
C LEU F 23 27.51 -1.29 -5.82
N VAL F 24 28.72 -1.62 -6.25
CA VAL F 24 29.25 -3.01 -6.11
C VAL F 24 29.37 -3.38 -4.63
N ASN F 25 29.37 -2.43 -3.70
CA ASN F 25 29.41 -2.75 -2.26
C ASN F 25 27.98 -2.89 -1.72
N GLY F 26 26.95 -2.82 -2.54
CA GLY F 26 25.56 -3.00 -2.07
C GLY F 26 24.85 -1.74 -1.59
N ILE F 27 25.53 -0.61 -1.48
CA ILE F 27 24.94 0.71 -1.13
C ILE F 27 23.98 1.14 -2.24
N LYS F 28 22.82 1.69 -1.85
CA LYS F 28 21.77 2.17 -2.79
C LYS F 28 21.81 3.72 -2.86
N LEU F 29 22.02 4.29 -4.06
CA LEU F 29 21.83 5.73 -4.30
C LEU F 29 20.50 5.95 -5.05
N GLN F 30 19.73 6.96 -4.69
CA GLN F 30 18.44 7.30 -5.35
C GLN F 30 18.53 8.75 -5.83
N GLY F 31 18.16 8.97 -7.08
CA GLY F 31 17.93 10.32 -7.62
C GLY F 31 17.49 10.24 -9.07
N GLN F 32 17.84 11.25 -9.86
CA GLN F 32 17.56 11.27 -11.32
C GLN F 32 18.89 11.39 -12.04
N ILE F 33 19.03 10.71 -13.19
CA ILE F 33 20.18 10.89 -14.11
C ILE F 33 20.14 12.31 -14.63
N GLU F 34 21.08 13.13 -14.20
CA GLU F 34 21.31 14.49 -14.77
C GLU F 34 21.97 14.32 -16.13
N SER F 35 23.00 13.48 -16.23
CA SER F 35 23.68 13.16 -17.50
C SER F 35 24.68 12.01 -17.30
N PHE F 36 25.44 11.65 -18.32
CA PHE F 36 26.35 10.48 -18.28
C PHE F 36 27.29 10.53 -19.47
N ASP F 37 28.44 9.87 -19.39
CA ASP F 37 29.42 9.73 -20.49
C ASP F 37 29.88 8.27 -20.48
N GLN F 38 31.00 7.93 -21.14
CA GLN F 38 31.51 6.54 -21.21
C GLN F 38 31.78 5.99 -19.80
N PHE F 39 32.22 6.82 -18.85
CA PHE F 39 32.79 6.38 -17.56
C PHE F 39 31.93 6.75 -16.35
N VAL F 40 31.11 7.80 -16.40
CA VAL F 40 30.40 8.27 -15.16
C VAL F 40 28.91 8.52 -15.44
N ILE F 41 28.13 8.55 -14.36
CA ILE F 41 26.73 9.04 -14.34
C ILE F 41 26.67 10.19 -13.33
N LEU F 42 26.20 11.36 -13.78
CA LEU F 42 25.89 12.49 -12.87
C LEU F 42 24.50 12.23 -12.32
N LEU F 43 24.40 11.98 -11.03
CA LEU F 43 23.13 11.71 -10.33
C LEU F 43 22.79 12.95 -9.50
N LYS F 44 21.55 13.44 -9.65
CA LYS F 44 21.01 14.62 -8.94
C LYS F 44 19.93 14.12 -7.99
N ASN F 45 20.07 14.45 -6.70
N ASN F 45 20.05 14.43 -6.69
CA ASN F 45 19.00 14.21 -5.70
CA ASN F 45 18.90 14.28 -5.75
C ASN F 45 18.71 15.54 -5.00
C ASN F 45 18.69 15.61 -5.03
N THR F 46 19.73 16.08 -4.34
CA THR F 46 19.67 17.42 -3.66
C THR F 46 20.99 18.13 -3.97
N VAL F 47 22.06 17.36 -4.04
CA VAL F 47 23.35 17.72 -4.69
C VAL F 47 23.47 16.96 -6.02
N SER F 48 24.45 17.36 -6.83
CA SER F 48 24.81 16.70 -8.10
C SER F 48 26.11 15.92 -7.90
N GLN F 49 26.07 14.59 -7.89
CA GLN F 49 27.28 13.78 -7.56
C GLN F 49 27.70 12.96 -8.78
N MET F 50 29.00 12.70 -8.89
CA MET F 50 29.59 11.89 -9.96
C MET F 50 29.79 10.44 -9.50
N VAL F 51 29.17 9.49 -10.20
CA VAL F 51 29.19 8.04 -9.84
C VAL F 51 29.95 7.33 -10.96
N TYR F 52 31.03 6.63 -10.62
CA TYR F 52 31.83 5.89 -11.62
C TYR F 52 31.03 4.65 -12.03
N LYS F 53 30.87 4.42 -13.33
CA LYS F 53 30.16 3.20 -13.83
C LYS F 53 30.82 1.93 -13.30
N HIS F 54 32.14 1.90 -13.18
CA HIS F 54 32.91 0.72 -12.69
C HIS F 54 32.48 0.36 -11.26
N ALA F 55 31.86 1.28 -10.51
CA ALA F 55 31.42 1.03 -9.10
C ALA F 55 29.93 0.72 -9.04
N ILE F 56 29.25 0.72 -10.19
CA ILE F 56 27.81 0.39 -10.24
C ILE F 56 27.57 -1.10 -10.54
N SER F 57 26.62 -1.72 -9.84
CA SER F 57 26.12 -3.07 -10.21
C SER F 57 24.87 -2.93 -11.07
N THR F 58 23.86 -2.20 -10.63
CA THR F 58 22.54 -2.10 -11.30
C THR F 58 21.99 -0.68 -11.26
N VAL F 59 21.31 -0.31 -12.37
CA VAL F 59 20.43 0.89 -12.46
C VAL F 59 18.98 0.39 -12.56
N VAL F 60 18.18 0.64 -11.51
CA VAL F 60 16.76 0.18 -11.43
C VAL F 60 15.82 1.37 -11.36
N PRO F 61 14.98 1.56 -12.41
CA PRO F 61 13.91 2.56 -12.39
C PRO F 61 12.76 2.26 -11.42
N SER F 62 11.88 3.23 -11.17
CA SER F 62 10.46 2.93 -10.83
C SER F 62 9.47 3.15 -12.00
N ALA F 63 9.77 2.68 -13.25
CA ALA F 63 8.74 2.37 -14.29
C ALA F 63 9.27 2.38 -15.74
N GLY G 1 17.22 -2.05 47.42
CA GLY G 1 17.05 -0.67 47.99
C GLY G 1 17.08 0.42 46.91
N GLN G 2 18.24 1.08 46.74
CA GLN G 2 18.40 2.41 46.07
C GLN G 2 18.49 2.21 44.55
N SER G 3 17.74 1.24 44.03
CA SER G 3 17.30 1.14 42.61
C SER G 3 17.21 2.57 42.02
N LEU G 4 17.81 2.73 40.84
CA LEU G 4 17.98 3.99 40.11
C LEU G 4 17.23 3.89 38.78
N GLN G 5 16.89 2.67 38.39
CA GLN G 5 16.20 2.33 37.14
C GLN G 5 14.78 2.85 37.17
N ASP G 6 14.05 2.54 38.24
CA ASP G 6 12.60 2.86 38.32
C ASP G 6 12.42 4.39 38.26
N PRO G 7 13.07 5.19 39.12
CA PRO G 7 12.90 6.65 39.02
C PRO G 7 13.22 7.16 37.60
N PHE G 8 14.26 6.61 36.98
CA PHE G 8 14.78 7.09 35.69
C PHE G 8 13.73 6.82 34.60
N LEU G 9 13.20 5.60 34.56
CA LEU G 9 12.17 5.18 33.58
C LEU G 9 10.85 5.91 33.82
N ASN G 10 10.47 6.09 35.09
CA ASN G 10 9.18 6.74 35.46
C ASN G 10 9.19 8.19 34.98
N ALA G 11 10.35 8.85 35.03
CA ALA G 11 10.48 10.28 34.66
C ALA G 11 10.32 10.38 33.13
N LEU G 12 10.96 9.49 32.40
CA LEU G 12 10.78 9.39 30.92
C LEU G 12 9.29 9.16 30.62
N ARG G 13 8.69 8.16 31.26
CA ARG G 13 7.27 7.78 31.03
C ARG G 13 6.36 9.00 31.28
N ARG G 14 6.40 9.60 32.47
CA ARG G 14 5.47 10.67 32.87
C ARG G 14 5.58 11.87 31.91
N GLU G 15 6.78 12.32 31.55
CA GLU G 15 6.94 13.55 30.74
C GLU G 15 6.88 13.24 29.23
N ARG G 16 6.66 11.96 28.86
CA ARG G 16 6.54 11.44 27.46
C ARG G 16 7.77 11.80 26.65
N VAL G 17 8.95 11.68 27.23
CA VAL G 17 10.21 11.93 26.50
C VAL G 17 10.48 10.73 25.59
N PRO G 18 10.69 11.02 24.30
CA PRO G 18 11.20 10.01 23.36
C PRO G 18 12.56 9.51 23.87
N VAL G 19 12.73 8.20 23.81
CA VAL G 19 13.99 7.50 24.11
C VAL G 19 14.45 6.76 22.84
N SER G 20 15.75 6.63 22.72
CA SER G 20 16.43 5.58 21.95
C SER G 20 16.78 4.44 22.92
N ILE G 21 16.38 3.23 22.60
CA ILE G 21 16.85 1.98 23.27
C ILE G 21 17.79 1.29 22.31
N TYR G 22 19.07 1.20 22.64
CA TYR G 22 20.05 0.38 21.87
C TYR G 22 20.02 -1.04 22.42
N LEU G 23 19.86 -2.02 21.54
CA LEU G 23 19.93 -3.45 21.94
C LEU G 23 21.40 -3.90 22.03
N VAL G 24 21.65 -5.06 22.65
CA VAL G 24 23.04 -5.59 22.76
C VAL G 24 23.58 -5.88 21.36
N ASN G 25 22.75 -6.06 20.35
CA ASN G 25 23.23 -6.29 18.97
C ASN G 25 23.44 -4.95 18.24
N GLY G 26 23.27 -3.81 18.89
CA GLY G 26 23.59 -2.49 18.31
C GLY G 26 22.40 -1.83 17.60
N ILE G 27 21.30 -2.56 17.38
CA ILE G 27 20.09 -1.99 16.75
C ILE G 27 19.48 -0.93 17.66
N LYS G 28 18.96 0.13 17.06
CA LYS G 28 18.34 1.29 17.76
C LYS G 28 16.80 1.23 17.62
N LEU G 29 16.09 1.13 18.73
CA LEU G 29 14.62 1.32 18.80
C LEU G 29 14.33 2.69 19.42
N GLN G 30 13.37 3.42 18.86
CA GLN G 30 12.92 4.74 19.31
C GLN G 30 11.43 4.65 19.59
N GLY G 31 11.01 5.32 20.65
CA GLY G 31 9.60 5.55 20.96
C GLY G 31 9.49 6.15 22.36
N GLN G 32 8.39 5.89 23.04
CA GLN G 32 8.12 6.37 24.41
C GLN G 32 8.03 5.14 25.30
N ILE G 33 8.48 5.25 26.54
CA ILE G 33 8.20 4.24 27.60
C ILE G 33 6.70 4.33 27.91
N GLU G 34 5.92 3.33 27.49
CA GLU G 34 4.51 3.17 27.90
C GLU G 34 4.50 2.65 29.34
N SER G 35 5.35 1.69 29.67
CA SER G 35 5.26 0.88 30.92
C SER G 35 6.56 0.08 31.10
N PHE G 36 6.78 -0.52 32.26
CA PHE G 36 7.96 -1.39 32.49
C PHE G 36 7.76 -2.16 33.80
N ASP G 37 8.44 -3.30 33.95
CA ASP G 37 8.42 -4.11 35.18
C ASP G 37 9.88 -4.48 35.46
N GLN G 38 10.14 -5.47 36.30
CA GLN G 38 11.51 -5.92 36.65
C GLN G 38 12.25 -6.38 35.39
N PHE G 39 11.55 -6.97 34.38
CA PHE G 39 12.18 -7.73 33.27
C PHE G 39 11.99 -7.10 31.89
N VAL G 40 10.94 -6.29 31.66
CA VAL G 40 10.62 -5.75 30.30
C VAL G 40 10.33 -4.25 30.35
N ILE G 41 10.42 -3.62 29.19
CA ILE G 41 9.92 -2.24 28.90
C ILE G 41 8.93 -2.33 27.75
N LEU G 42 7.72 -1.84 27.93
CA LEU G 42 6.74 -1.64 26.84
C LEU G 42 7.09 -0.32 26.16
N LEU G 43 7.55 -0.40 24.92
CA LEU G 43 7.94 0.75 24.09
C LEU G 43 6.87 0.99 23.03
N LYS G 44 6.37 2.23 22.95
CA LYS G 44 5.23 2.65 22.11
C LYS G 44 5.77 3.64 21.07
N ASN G 45 5.60 3.35 19.79
CA ASN G 45 6.00 4.29 18.69
C ASN G 45 4.77 4.48 17.80
N THR G 46 4.33 3.38 17.21
CA THR G 46 3.19 3.27 16.27
C THR G 46 2.48 1.96 16.62
N VAL G 47 3.27 0.95 17.00
CA VAL G 47 2.82 -0.27 17.74
C VAL G 47 3.26 -0.16 19.21
N SER G 48 2.74 -1.00 20.09
CA SER G 48 3.29 -1.20 21.45
C SER G 48 4.10 -2.51 21.51
N GLN G 49 5.41 -2.45 21.64
CA GLN G 49 6.25 -3.68 21.61
C GLN G 49 6.90 -3.92 22.98
N MET G 50 7.11 -5.19 23.31
CA MET G 50 7.78 -5.63 24.56
C MET G 50 9.27 -5.88 24.30
N VAL G 51 10.12 -5.18 25.04
CA VAL G 51 11.60 -5.21 24.91
C VAL G 51 12.10 -5.83 26.22
N TYR G 52 12.87 -6.92 26.13
CA TYR G 52 13.43 -7.56 27.33
C TYR G 52 14.62 -6.71 27.77
N LYS G 53 14.68 -6.35 29.04
CA LYS G 53 15.82 -5.59 29.59
C LYS G 53 17.13 -6.31 29.35
N HIS G 54 17.16 -7.64 29.40
CA HIS G 54 18.42 -8.45 29.19
C HIS G 54 18.96 -8.21 27.79
N ALA G 55 18.16 -7.70 26.84
CA ALA G 55 18.59 -7.43 25.44
C ALA G 55 18.94 -5.97 25.23
N ILE G 56 18.81 -5.16 26.28
CA ILE G 56 19.10 -3.71 26.17
C ILE G 56 20.53 -3.43 26.62
N SER G 57 21.23 -2.55 25.89
CA SER G 57 22.50 -1.99 26.35
C SER G 57 22.24 -0.64 27.05
N THR G 58 21.54 0.29 26.38
CA THR G 58 21.33 1.67 26.88
C THR G 58 19.92 2.16 26.61
N VAL G 59 19.40 2.98 27.55
CA VAL G 59 18.24 3.88 27.35
C VAL G 59 18.78 5.32 27.35
N VAL G 60 18.62 6.00 26.22
CA VAL G 60 19.07 7.39 25.96
C VAL G 60 17.85 8.27 25.72
N PRO G 61 17.57 9.23 26.63
CA PRO G 61 16.59 10.30 26.41
C PRO G 61 16.97 11.23 25.26
N SER G 62 16.00 11.57 24.43
CA SER G 62 16.13 12.59 23.37
C SER G 62 16.39 14.01 23.95
N ALA G 63 15.61 14.46 24.94
CA ALA G 63 15.79 15.73 25.71
C ALA G 63 16.23 15.43 27.15
N GLY H 1 6.33 -6.84 39.64
CA GLY H 1 7.52 -7.73 39.41
C GLY H 1 7.59 -8.23 37.97
N GLN H 2 7.19 -9.50 37.74
CA GLN H 2 7.09 -10.17 36.41
C GLN H 2 5.70 -9.85 35.78
N SER H 3 5.07 -8.75 36.22
CA SER H 3 3.62 -8.46 36.19
C SER H 3 3.12 -7.84 34.87
N LEU H 4 3.94 -7.72 33.84
CA LEU H 4 3.59 -7.05 32.56
C LEU H 4 3.70 -8.04 31.40
N GLN H 5 4.50 -9.07 31.57
CA GLN H 5 4.80 -10.06 30.52
C GLN H 5 3.58 -10.94 30.29
N ASP H 6 3.01 -11.50 31.34
CA ASP H 6 1.86 -12.44 31.23
C ASP H 6 0.70 -11.75 30.55
N PRO H 7 0.19 -10.58 31.06
CA PRO H 7 -0.93 -9.94 30.41
C PRO H 7 -0.66 -9.72 28.91
N PHE H 8 0.54 -9.28 28.60
CA PHE H 8 0.94 -8.88 27.22
C PHE H 8 0.89 -10.11 26.30
N LEU H 9 1.51 -11.20 26.72
CA LEU H 9 1.63 -12.44 25.92
C LEU H 9 0.25 -13.14 25.84
N ASN H 10 -0.53 -13.11 26.93
CA ASN H 10 -1.87 -13.77 26.98
C ASN H 10 -2.82 -13.07 26.02
N ALA H 11 -2.68 -11.77 25.82
CA ALA H 11 -3.58 -11.00 24.92
C ALA H 11 -3.23 -11.38 23.48
N LEU H 12 -1.95 -11.50 23.15
CA LEU H 12 -1.49 -12.02 21.85
C LEU H 12 -2.06 -13.43 21.64
N ARG H 13 -1.88 -14.32 22.63
CA ARG H 13 -2.35 -15.72 22.54
C ARG H 13 -3.86 -15.77 22.30
N ARG H 14 -4.67 -15.15 23.16
CA ARG H 14 -6.15 -15.24 23.12
C ARG H 14 -6.69 -14.72 21.77
N GLU H 15 -6.22 -13.60 21.27
CA GLU H 15 -6.79 -12.97 20.04
C GLU H 15 -6.11 -13.54 18.78
N ARG H 16 -5.14 -14.46 18.93
CA ARG H 16 -4.36 -15.13 17.84
C ARG H 16 -3.70 -14.07 16.96
N VAL H 17 -3.13 -13.05 17.57
CA VAL H 17 -2.46 -11.98 16.78
C VAL H 17 -1.06 -12.51 16.43
N PRO H 18 -0.74 -12.42 15.12
CA PRO H 18 0.61 -12.66 14.63
C PRO H 18 1.58 -11.71 15.35
N VAL H 19 2.71 -12.27 15.77
CA VAL H 19 3.83 -11.51 16.39
C VAL H 19 5.09 -11.79 15.55
N SER H 20 5.94 -10.79 15.46
CA SER H 20 7.36 -10.91 15.14
C SER H 20 8.15 -11.01 16.45
N ILE H 21 8.98 -12.04 16.57
CA ILE H 21 9.94 -12.18 17.68
C ILE H 21 11.32 -11.97 17.10
N TYR H 22 11.99 -10.87 17.46
CA TYR H 22 13.41 -10.65 17.09
C TYR H 22 14.29 -11.27 18.16
N LEU H 23 15.26 -12.10 17.73
CA LEU H 23 16.27 -12.71 18.64
C LEU H 23 17.44 -11.73 18.89
N VAL H 24 18.28 -11.99 19.90
CA VAL H 24 19.41 -11.09 20.25
C VAL H 24 20.38 -11.01 19.08
N ASN H 25 20.38 -11.95 18.14
CA ASN H 25 21.28 -11.87 16.98
C ASN H 25 20.59 -11.15 15.82
N GLY H 26 19.41 -10.55 16.02
CA GLY H 26 18.73 -9.82 14.94
C GLY H 26 17.78 -10.64 14.07
N ILE H 27 17.79 -11.97 14.15
CA ILE H 27 16.92 -12.83 13.31
C ILE H 27 15.46 -12.58 13.72
N LYS H 28 14.55 -12.58 12.75
CA LYS H 28 13.10 -12.39 12.91
C LYS H 28 12.36 -13.74 12.80
N LEU H 29 11.64 -14.15 13.84
CA LEU H 29 10.67 -15.27 13.78
C LEU H 29 9.24 -14.69 13.80
N GLN H 30 8.34 -15.28 13.02
CA GLN H 30 6.91 -14.81 12.94
C GLN H 30 6.02 -16.02 13.21
N GLY H 31 4.95 -15.81 13.95
CA GLY H 31 3.80 -16.74 14.06
C GLY H 31 2.91 -16.35 15.22
N GLN H 32 2.32 -17.32 15.90
CA GLN H 32 1.34 -17.09 17.00
C GLN H 32 1.98 -17.59 18.29
N ILE H 33 1.74 -16.91 19.41
CA ILE H 33 2.04 -17.45 20.76
C ILE H 33 1.09 -18.61 21.02
N GLU H 34 1.58 -19.84 20.99
CA GLU H 34 0.82 -21.06 21.41
C GLU H 34 0.76 -21.04 22.94
N SER H 35 1.86 -20.78 23.62
CA SER H 35 1.91 -20.75 25.10
C SER H 35 3.28 -20.27 25.57
N PHE H 36 3.49 -20.19 26.89
CA PHE H 36 4.72 -19.60 27.46
C PHE H 36 4.78 -19.92 28.95
N ASP H 37 5.98 -19.92 29.52
CA ASP H 37 6.22 -20.15 30.95
C ASP H 37 7.27 -19.09 31.37
N GLN H 38 7.94 -19.27 32.51
CA GLN H 38 8.97 -18.35 33.03
C GLN H 38 10.12 -18.18 32.01
N PHE H 39 10.48 -19.22 31.25
CA PHE H 39 11.76 -19.33 30.49
C PHE H 39 11.53 -19.33 28.98
N VAL H 40 10.38 -19.81 28.45
CA VAL H 40 10.25 -20.08 26.99
C VAL H 40 8.90 -19.56 26.50
N ILE H 41 8.87 -19.35 25.19
CA ILE H 41 7.63 -19.07 24.40
C ILE H 41 7.50 -20.17 23.36
N LEU H 42 6.37 -20.87 23.34
CA LEU H 42 6.06 -21.81 22.24
C LEU H 42 5.45 -20.97 21.13
N LEU H 43 6.15 -20.88 20.01
CA LEU H 43 5.73 -20.12 18.82
C LEU H 43 5.30 -21.12 17.74
N LYS H 44 4.13 -20.92 17.18
CA LYS H 44 3.47 -21.77 16.16
C LYS H 44 3.38 -20.99 14.86
N ASN H 45 3.95 -21.55 13.79
N ASN H 45 3.97 -21.52 13.79
CA ASN H 45 3.88 -20.96 12.43
CA ASN H 45 3.74 -20.98 12.42
C ASN H 45 3.35 -22.06 11.49
C ASN H 45 3.27 -22.13 11.54
N THR H 46 4.12 -23.13 11.36
CA THR H 46 3.80 -24.34 10.57
C THR H 46 4.33 -25.55 11.37
N VAL H 47 5.42 -25.32 12.09
CA VAL H 47 5.90 -26.15 13.24
C VAL H 47 5.55 -25.45 14.56
N SER H 48 5.62 -26.18 15.66
CA SER H 48 5.58 -25.59 17.03
C SER H 48 7.01 -25.54 17.60
N GLN H 49 7.62 -24.37 17.74
CA GLN H 49 9.04 -24.29 18.17
C GLN H 49 9.14 -23.64 19.54
N MET H 50 10.16 -24.03 20.29
CA MET H 50 10.48 -23.46 21.62
C MET H 50 11.54 -22.36 21.48
N VAL H 51 11.21 -21.15 21.92
CA VAL H 51 12.09 -19.95 21.85
C VAL H 51 12.43 -19.58 23.29
N TYR H 52 13.70 -19.57 23.64
CA TYR H 52 14.17 -19.16 24.99
C TYR H 52 14.01 -17.65 25.11
N LYS H 53 13.33 -17.18 26.16
CA LYS H 53 13.20 -15.72 26.44
C LYS H 53 14.58 -15.04 26.50
N HIS H 54 15.60 -15.70 27.05
CA HIS H 54 16.97 -15.13 27.21
C HIS H 54 17.54 -14.82 25.82
N ALA H 55 17.02 -15.39 24.73
CA ALA H 55 17.53 -15.17 23.37
C ALA H 55 16.63 -14.18 22.61
N ILE H 56 15.59 -13.64 23.27
CA ILE H 56 14.66 -12.69 22.61
C ILE H 56 15.08 -11.26 22.92
N SER H 57 14.99 -10.38 21.93
CA SER H 57 15.15 -8.93 22.17
C SER H 57 13.77 -8.31 22.33
N THR H 58 12.89 -8.52 21.34
N THR H 58 12.87 -8.57 21.39
CA THR H 58 11.57 -7.84 21.26
CA THR H 58 11.55 -7.91 21.42
C THR H 58 10.49 -8.80 20.76
C THR H 58 10.49 -8.80 20.77
N VAL H 59 9.25 -8.51 21.13
CA VAL H 59 8.03 -9.22 20.67
C VAL H 59 7.17 -8.08 20.18
N VAL H 60 7.04 -7.92 18.88
CA VAL H 60 6.22 -6.82 18.31
C VAL H 60 5.00 -7.41 17.60
N PRO H 61 3.77 -7.06 18.00
CA PRO H 61 2.59 -7.58 17.38
C PRO H 61 2.14 -6.73 16.20
N SER H 62 0.95 -7.04 15.71
CA SER H 62 0.22 -6.31 14.64
C SER H 62 -1.10 -5.80 15.25
N ALA H 63 -1.02 -5.35 16.51
CA ALA H 63 -2.09 -4.75 17.34
C ALA H 63 -3.18 -5.75 17.73
#